data_1IYX
#
_entry.id   1IYX
#
_cell.length_a   153.510
_cell.length_b   153.510
_cell.length_c   90.660
_cell.angle_alpha   90.00
_cell.angle_beta   90.00
_cell.angle_gamma   90.00
#
_symmetry.space_group_name_H-M   'I 4'
#
loop_
_entity.id
_entity.type
_entity.pdbx_description
1 polymer ENOLASE
2 non-polymer 'MAGNESIUM ION'
3 non-polymer 'SULFATE ION'
4 non-polymer GLYCEROL
5 water water
#
_entity_poly.entity_id   1
_entity_poly.type   'polypeptide(L)'
_entity_poly.pdbx_seq_one_letter_code
;MSIITDVYAREILDSRGNPTIEVEVYTESGAFGRGMVPSGASTGEYEAVELRDGDKARYGGKGVTKAVDNVNNIIAEAII
GYDVRDQMAIDKAMIALDGTPNKGKLGANAILGVSIAVARAAADYLEVPLYHYLGGFNTKVLPTPMMNIINGGSHADNSI
DFQEFMIMPVGAPTFKEALRMGAEVFHALAAILKSRGLATSVGDEGGFAPNLGSNEEGFEVIIEAIEKAGYVPGKDVVLA
MDAASSEFYDKEKGVYVLADSGEGEKTTDEMIKFYEELVSKYPIISIEDGLDENDWDGFKKLTDVLGDKVQLVGDDLFVT
NTQKLSEGIEKGIANSILIKVNQIGTLTETFEAIEMAKEAGYTAVVSHRSGETEDSTISDIAVATNAGQIKTGSLSRTDR
IAKYNQLLRIEDQLGEVAEYKGLKSFYNLKAA
;
_entity_poly.pdbx_strand_id   A,B
#
loop_
_chem_comp.id
_chem_comp.type
_chem_comp.name
_chem_comp.formula
GOL non-polymer GLYCEROL 'C3 H8 O3'
MG non-polymer 'MAGNESIUM ION' 'Mg 2'
SO4 non-polymer 'SULFATE ION' 'O4 S -2'
#
# COMPACT_ATOMS: atom_id res chain seq x y z
N SER A 2 -25.85 9.08 -19.50
CA SER A 2 -25.86 8.85 -18.04
C SER A 2 -26.34 7.43 -17.72
N ILE A 3 -26.77 6.71 -18.75
CA ILE A 3 -27.28 5.36 -18.59
C ILE A 3 -26.16 4.33 -18.58
N ILE A 4 -26.12 3.51 -17.54
CA ILE A 4 -25.08 2.49 -17.43
C ILE A 4 -25.16 1.56 -18.62
N THR A 5 -24.05 1.40 -19.34
CA THR A 5 -24.03 0.52 -20.50
C THR A 5 -23.09 -0.65 -20.29
N ASP A 6 -22.43 -0.69 -19.14
CA ASP A 6 -21.48 -1.77 -18.89
C ASP A 6 -21.07 -1.84 -17.43
N VAL A 7 -21.08 -3.04 -16.88
CA VAL A 7 -20.67 -3.29 -15.51
C VAL A 7 -19.86 -4.57 -15.61
N TYR A 8 -18.55 -4.43 -15.44
CA TYR A 8 -17.61 -5.54 -15.57
C TYR A 8 -16.73 -5.74 -14.35
N ALA A 9 -16.72 -6.96 -13.81
CA ALA A 9 -15.90 -7.27 -12.65
C ALA A 9 -14.66 -8.04 -13.07
N ARG A 10 -13.67 -8.07 -12.19
CA ARG A 10 -12.41 -8.75 -12.47
C ARG A 10 -11.80 -9.16 -11.14
N GLU A 11 -10.95 -10.18 -11.15
CA GLU A 11 -10.32 -10.59 -9.90
C GLU A 11 -8.94 -9.93 -9.72
N ILE A 12 -8.71 -9.33 -8.56
CA ILE A 12 -7.45 -8.67 -8.27
C ILE A 12 -7.00 -9.05 -6.85
N LEU A 13 -5.88 -8.48 -6.42
CA LEU A 13 -5.34 -8.76 -5.09
C LEU A 13 -5.48 -7.58 -4.13
N ASP A 14 -5.61 -7.88 -2.84
CA ASP A 14 -5.72 -6.85 -1.81
C ASP A 14 -4.33 -6.70 -1.20
N SER A 15 -4.20 -5.78 -0.24
CA SER A 15 -2.92 -5.53 0.40
C SER A 15 -2.28 -6.71 1.11
N ARG A 16 -3.03 -7.79 1.29
CA ARG A 16 -2.49 -8.97 1.96
C ARG A 16 -2.15 -10.13 1.02
N GLY A 17 -2.31 -9.89 -0.27
CA GLY A 17 -2.00 -10.92 -1.24
C GLY A 17 -3.14 -11.89 -1.45
N ASN A 18 -4.34 -11.45 -1.07
CA ASN A 18 -5.52 -12.29 -1.23
C ASN A 18 -6.45 -11.71 -2.28
N PRO A 19 -6.98 -12.57 -3.15
CA PRO A 19 -7.87 -12.05 -4.18
C PRO A 19 -9.09 -11.33 -3.63
N THR A 20 -9.58 -10.36 -4.38
CA THR A 20 -10.77 -9.61 -4.01
C THR A 20 -11.38 -9.16 -5.33
N ILE A 21 -12.52 -8.48 -5.28
CA ILE A 21 -13.17 -8.06 -6.51
C ILE A 21 -12.99 -6.58 -6.85
N GLU A 22 -13.15 -6.27 -8.12
CA GLU A 22 -13.02 -4.93 -8.64
C GLU A 22 -14.10 -4.82 -9.71
N VAL A 23 -14.85 -3.72 -9.71
CA VAL A 23 -15.91 -3.54 -10.71
C VAL A 23 -15.78 -2.21 -11.43
N GLU A 24 -15.97 -2.24 -12.74
CA GLU A 24 -15.89 -1.03 -13.55
C GLU A 24 -17.23 -0.78 -14.22
N VAL A 25 -17.78 0.41 -14.04
CA VAL A 25 -19.05 0.76 -14.66
C VAL A 25 -18.83 1.83 -15.73
N TYR A 26 -19.46 1.65 -16.88
CA TYR A 26 -19.34 2.58 -18.00
C TYR A 26 -20.73 3.06 -18.40
N THR A 27 -20.90 4.37 -18.57
CA THR A 27 -22.18 4.94 -19.02
C THR A 27 -22.05 5.14 -20.53
N GLU A 28 -23.17 5.32 -21.22
CA GLU A 28 -23.12 5.49 -22.67
C GLU A 28 -22.34 6.74 -23.07
N SER A 29 -22.30 7.73 -22.20
CA SER A 29 -21.60 8.98 -22.48
C SER A 29 -20.07 8.83 -22.41
N GLY A 30 -19.61 7.83 -21.66
CA GLY A 30 -18.19 7.63 -21.55
C GLY A 30 -17.72 7.73 -20.12
N ALA A 31 -18.65 8.03 -19.21
CA ALA A 31 -18.33 8.15 -17.79
C ALA A 31 -17.85 6.79 -17.27
N PHE A 32 -16.83 6.82 -16.42
CA PHE A 32 -16.25 5.60 -15.90
C PHE A 32 -16.21 5.61 -14.38
N GLY A 33 -16.27 4.43 -13.78
CA GLY A 33 -16.23 4.31 -12.34
C GLY A 33 -15.64 2.96 -11.96
N ARG A 34 -14.71 2.95 -11.00
CA ARG A 34 -14.09 1.71 -10.57
C ARG A 34 -14.20 1.50 -9.09
N GLY A 35 -14.82 0.40 -8.70
CA GLY A 35 -14.98 0.11 -7.29
C GLY A 35 -14.15 -1.07 -6.85
N MET A 36 -13.40 -0.89 -5.77
CA MET A 36 -12.57 -1.94 -5.24
C MET A 36 -13.07 -2.31 -3.85
N VAL A 37 -13.26 -3.60 -3.62
CA VAL A 37 -13.79 -4.09 -2.36
C VAL A 37 -12.74 -4.67 -1.41
N PRO A 38 -12.80 -4.29 -0.13
CA PRO A 38 -11.86 -4.76 0.90
C PRO A 38 -12.32 -6.09 1.52
N SER A 39 -11.38 -6.79 2.15
CA SER A 39 -11.64 -8.09 2.77
C SER A 39 -12.62 -8.07 3.95
N GLY A 40 -13.80 -8.65 3.73
CA GLY A 40 -14.80 -8.69 4.79
C GLY A 40 -14.79 -10.04 5.47
N ALA A 41 -15.98 -10.59 5.73
CA ALA A 41 -16.10 -11.90 6.38
C ALA A 41 -16.99 -12.83 5.55
N SER A 42 -16.57 -14.08 5.44
CA SER A 42 -17.32 -15.09 4.68
C SER A 42 -18.42 -15.70 5.56
N THR A 43 -18.42 -15.32 6.84
CA THR A 43 -19.40 -15.81 7.80
C THR A 43 -19.73 -14.76 8.87
N GLY A 44 -20.98 -14.74 9.29
CA GLY A 44 -21.44 -13.80 10.30
C GLY A 44 -22.94 -13.95 10.41
N GLU A 45 -23.47 -13.90 11.63
CA GLU A 45 -24.90 -14.07 11.82
C GLU A 45 -25.70 -12.85 11.41
N TYR A 46 -25.20 -11.67 11.76
CA TYR A 46 -25.89 -10.43 11.42
C TYR A 46 -25.05 -9.60 10.46
N GLU A 47 -23.92 -10.16 10.04
CA GLU A 47 -23.02 -9.49 9.14
C GLU A 47 -23.15 -9.94 7.69
N ALA A 48 -23.11 -9.00 6.75
CA ALA A 48 -23.21 -9.33 5.33
C ALA A 48 -22.02 -10.23 5.03
N VAL A 49 -22.21 -11.23 4.17
CA VAL A 49 -21.12 -12.15 3.88
C VAL A 49 -20.53 -12.04 2.49
N GLU A 50 -19.21 -12.13 2.41
CA GLU A 50 -18.50 -12.06 1.14
C GLU A 50 -18.55 -13.45 0.52
N LEU A 51 -18.34 -13.54 -0.78
CA LEU A 51 -18.39 -14.83 -1.45
C LEU A 51 -17.03 -15.34 -1.95
N ARG A 52 -16.51 -16.37 -1.28
CA ARG A 52 -15.22 -16.96 -1.65
C ARG A 52 -15.48 -18.25 -2.43
N ASP A 53 -14.52 -18.69 -3.24
CA ASP A 53 -14.68 -19.92 -4.01
C ASP A 53 -14.49 -21.16 -3.14
N GLY A 54 -13.56 -21.09 -2.21
CA GLY A 54 -13.30 -22.23 -1.33
C GLY A 54 -12.55 -23.34 -2.03
N ASP A 55 -11.93 -23.03 -3.16
CA ASP A 55 -11.16 -24.01 -3.91
C ASP A 55 -9.80 -24.19 -3.25
N LYS A 56 -9.68 -25.19 -2.39
CA LYS A 56 -8.43 -25.47 -1.68
C LYS A 56 -7.19 -25.39 -2.58
N ALA A 57 -7.34 -25.81 -3.84
CA ALA A 57 -6.23 -25.82 -4.80
C ALA A 57 -5.85 -24.46 -5.37
N ARG A 58 -6.74 -23.48 -5.23
CA ARG A 58 -6.48 -22.15 -5.76
C ARG A 58 -6.50 -21.06 -4.71
N TYR A 59 -5.42 -20.29 -4.63
CA TYR A 59 -5.33 -19.19 -3.67
C TYR A 59 -5.79 -19.62 -2.28
N GLY A 60 -5.53 -20.88 -1.91
CA GLY A 60 -5.93 -21.36 -0.61
C GLY A 60 -7.42 -21.20 -0.37
N GLY A 61 -8.20 -21.43 -1.42
CA GLY A 61 -9.65 -21.31 -1.32
C GLY A 61 -10.19 -19.90 -1.21
N LYS A 62 -9.30 -18.92 -1.20
CA LYS A 62 -9.70 -17.52 -1.07
C LYS A 62 -10.02 -16.77 -2.36
N GLY A 63 -10.12 -17.46 -3.49
CA GLY A 63 -10.44 -16.78 -4.73
C GLY A 63 -11.85 -16.22 -4.74
N VAL A 64 -12.13 -15.28 -5.65
CA VAL A 64 -13.46 -14.68 -5.74
C VAL A 64 -13.99 -14.72 -7.17
N THR A 65 -13.67 -15.82 -7.84
CA THR A 65 -14.10 -16.03 -9.21
C THR A 65 -15.62 -16.17 -9.25
N LYS A 66 -16.19 -16.63 -8.14
CA LYS A 66 -17.64 -16.82 -8.03
C LYS A 66 -18.34 -15.46 -8.03
N ALA A 67 -17.86 -14.55 -7.20
CA ALA A 67 -18.42 -13.21 -7.09
C ALA A 67 -18.28 -12.48 -8.43
N VAL A 68 -17.12 -12.64 -9.06
CA VAL A 68 -16.90 -12.01 -10.36
C VAL A 68 -17.94 -12.49 -11.36
N ASP A 69 -18.12 -13.80 -11.43
CA ASP A 69 -19.10 -14.36 -12.35
C ASP A 69 -20.49 -13.81 -12.05
N ASN A 70 -20.83 -13.69 -10.78
CA ASN A 70 -22.12 -13.16 -10.37
C ASN A 70 -22.35 -11.77 -10.95
N VAL A 71 -21.36 -10.89 -10.79
CA VAL A 71 -21.45 -9.53 -11.28
C VAL A 71 -21.66 -9.50 -12.79
N ASN A 72 -20.76 -10.13 -13.54
CA ASN A 72 -20.78 -10.16 -15.00
C ASN A 72 -21.96 -10.84 -15.68
N ASN A 73 -22.56 -11.84 -15.03
CA ASN A 73 -23.67 -12.56 -15.65
C ASN A 73 -25.04 -12.37 -15.03
N ILE A 74 -25.10 -11.96 -13.77
CA ILE A 74 -26.39 -11.74 -13.12
C ILE A 74 -26.66 -10.27 -12.87
N ILE A 75 -25.79 -9.64 -12.08
CA ILE A 75 -25.96 -8.24 -11.72
C ILE A 75 -25.88 -7.31 -12.92
N ALA A 76 -24.89 -7.53 -13.79
CA ALA A 76 -24.70 -6.67 -14.95
C ALA A 76 -25.96 -6.42 -15.76
N GLU A 77 -26.57 -7.46 -16.30
CA GLU A 77 -27.77 -7.28 -17.09
C GLU A 77 -28.97 -6.74 -16.30
N ALA A 78 -28.95 -6.89 -14.99
CA ALA A 78 -30.05 -6.39 -14.15
C ALA A 78 -29.91 -4.89 -13.94
N ILE A 79 -28.67 -4.42 -13.99
CA ILE A 79 -28.36 -3.00 -13.78
C ILE A 79 -28.23 -2.18 -15.06
N ILE A 80 -27.71 -2.79 -16.12
CA ILE A 80 -27.57 -2.10 -17.39
C ILE A 80 -28.94 -1.57 -17.78
N GLY A 81 -29.01 -0.29 -18.10
CA GLY A 81 -30.27 0.31 -18.48
C GLY A 81 -30.65 1.42 -17.51
N TYR A 82 -30.20 1.27 -16.27
CA TYR A 82 -30.46 2.26 -15.21
C TYR A 82 -29.63 3.53 -15.46
N ASP A 83 -30.03 4.63 -14.85
CA ASP A 83 -29.30 5.87 -14.96
C ASP A 83 -28.27 5.87 -13.81
N VAL A 84 -26.99 5.89 -14.17
CA VAL A 84 -25.90 5.86 -13.20
C VAL A 84 -26.12 6.65 -11.92
N ARG A 85 -26.97 7.67 -11.99
CA ARG A 85 -27.23 8.53 -10.82
C ARG A 85 -28.21 8.01 -9.77
N ASP A 86 -29.01 7.01 -10.12
CA ASP A 86 -30.01 6.46 -9.18
C ASP A 86 -29.36 5.51 -8.17
N GLN A 87 -28.47 6.01 -7.33
CA GLN A 87 -27.81 5.13 -6.37
C GLN A 87 -28.80 4.26 -5.61
N MET A 88 -29.71 4.89 -4.87
CA MET A 88 -30.72 4.13 -4.11
C MET A 88 -31.44 3.01 -4.88
N ALA A 89 -32.01 3.34 -6.03
CA ALA A 89 -32.71 2.33 -6.82
C ALA A 89 -31.82 1.16 -7.20
N ILE A 90 -30.59 1.46 -7.64
CA ILE A 90 -29.68 0.40 -8.03
C ILE A 90 -29.30 -0.52 -6.87
N ASP A 91 -29.00 0.05 -5.72
CA ASP A 91 -28.66 -0.78 -4.58
C ASP A 91 -29.88 -1.59 -4.15
N LYS A 92 -31.05 -0.97 -4.22
CA LYS A 92 -32.29 -1.65 -3.84
C LYS A 92 -32.45 -2.91 -4.71
N ALA A 93 -32.24 -2.76 -6.01
CA ALA A 93 -32.35 -3.89 -6.92
C ALA A 93 -31.34 -4.98 -6.56
N MET A 94 -30.07 -4.64 -6.57
CA MET A 94 -29.03 -5.62 -6.24
C MET A 94 -29.38 -6.37 -4.96
N ILE A 95 -30.02 -5.69 -4.02
CA ILE A 95 -30.38 -6.32 -2.75
C ILE A 95 -31.52 -7.32 -2.92
N ALA A 96 -32.48 -6.97 -3.79
CA ALA A 96 -33.61 -7.83 -4.04
C ALA A 96 -33.21 -8.97 -4.98
N LEU A 97 -32.26 -8.71 -5.87
CA LEU A 97 -31.77 -9.72 -6.80
C LEU A 97 -31.11 -10.85 -6.01
N ASP A 98 -30.35 -10.48 -4.99
CA ASP A 98 -29.71 -11.47 -4.14
C ASP A 98 -30.82 -12.21 -3.40
N GLY A 99 -31.76 -11.44 -2.86
CA GLY A 99 -32.89 -12.00 -2.16
C GLY A 99 -32.66 -12.48 -0.73
N THR A 100 -31.42 -12.40 -0.25
CA THR A 100 -31.11 -12.84 1.10
C THR A 100 -30.52 -11.70 1.93
N PRO A 101 -30.74 -11.71 3.24
CA PRO A 101 -30.21 -10.66 4.13
C PRO A 101 -28.69 -10.59 4.20
N ASN A 102 -28.04 -11.75 4.17
CA ASN A 102 -26.56 -11.84 4.22
C ASN A 102 -25.90 -11.38 2.94
N LYS A 103 -26.69 -11.35 1.86
CA LYS A 103 -26.18 -11.00 0.55
C LYS A 103 -25.31 -12.21 0.22
N GLY A 104 -25.69 -13.35 0.78
CA GLY A 104 -24.97 -14.60 0.59
C GLY A 104 -25.03 -15.24 -0.78
N LYS A 105 -26.10 -15.02 -1.52
CA LYS A 105 -26.22 -15.59 -2.87
C LYS A 105 -25.17 -15.00 -3.81
N LEU A 106 -25.34 -13.71 -4.13
CA LEU A 106 -24.44 -12.99 -5.02
C LEU A 106 -23.09 -12.69 -4.37
N GLY A 107 -23.11 -12.38 -3.08
CA GLY A 107 -21.89 -12.04 -2.37
C GLY A 107 -21.86 -10.55 -2.10
N ALA A 108 -21.58 -10.17 -0.85
CA ALA A 108 -21.53 -8.77 -0.47
C ALA A 108 -20.43 -8.05 -1.23
N ASN A 109 -19.34 -8.76 -1.51
CA ASN A 109 -18.23 -8.18 -2.24
C ASN A 109 -18.67 -7.85 -3.67
N ALA A 110 -19.51 -8.70 -4.25
CA ALA A 110 -19.99 -8.47 -5.61
C ALA A 110 -20.92 -7.25 -5.63
N ILE A 111 -21.89 -7.23 -4.72
CA ILE A 111 -22.83 -6.12 -4.64
C ILE A 111 -22.12 -4.79 -4.36
N LEU A 112 -21.21 -4.79 -3.37
CA LEU A 112 -20.52 -3.55 -3.02
C LEU A 112 -19.66 -2.97 -4.11
N GLY A 113 -18.94 -3.83 -4.83
CA GLY A 113 -18.09 -3.33 -5.91
C GLY A 113 -18.91 -2.58 -6.94
N VAL A 114 -20.08 -3.10 -7.25
CA VAL A 114 -20.97 -2.48 -8.22
C VAL A 114 -21.51 -1.17 -7.64
N SER A 115 -21.97 -1.23 -6.40
CA SER A 115 -22.50 -0.04 -5.73
C SER A 115 -21.52 1.11 -5.81
N ILE A 116 -20.28 0.84 -5.42
CA ILE A 116 -19.21 1.84 -5.42
C ILE A 116 -18.80 2.28 -6.83
N ALA A 117 -18.60 1.32 -7.72
CA ALA A 117 -18.23 1.68 -9.08
C ALA A 117 -19.30 2.61 -9.64
N VAL A 118 -20.55 2.21 -9.50
CA VAL A 118 -21.66 3.02 -9.97
C VAL A 118 -21.56 4.47 -9.49
N ALA A 119 -21.47 4.65 -8.17
CA ALA A 119 -21.40 5.98 -7.58
C ALA A 119 -20.27 6.79 -8.16
N ARG A 120 -19.10 6.17 -8.29
CA ARG A 120 -17.94 6.85 -8.84
C ARG A 120 -18.15 7.20 -10.31
N ALA A 121 -18.82 6.31 -11.03
CA ALA A 121 -19.13 6.53 -12.43
C ALA A 121 -19.99 7.79 -12.55
N ALA A 122 -20.97 7.89 -11.67
CA ALA A 122 -21.86 9.03 -11.66
C ALA A 122 -21.10 10.32 -11.33
N ALA A 123 -20.31 10.30 -10.27
CA ALA A 123 -19.56 11.49 -9.89
C ALA A 123 -18.82 11.97 -11.12
N ASP A 124 -18.16 11.03 -11.80
CA ASP A 124 -17.40 11.32 -13.00
C ASP A 124 -18.30 11.91 -14.09
N TYR A 125 -19.46 11.30 -14.31
CA TYR A 125 -20.38 11.78 -15.32
C TYR A 125 -20.76 13.23 -15.08
N LEU A 126 -21.05 13.56 -13.83
CA LEU A 126 -21.44 14.92 -13.46
C LEU A 126 -20.26 15.87 -13.30
N GLU A 127 -19.05 15.34 -13.35
CA GLU A 127 -17.82 16.11 -13.21
C GLU A 127 -17.74 16.84 -11.86
N VAL A 128 -18.04 16.10 -10.79
CA VAL A 128 -17.96 16.64 -9.44
C VAL A 128 -17.16 15.66 -8.60
N PRO A 129 -16.58 16.14 -7.49
CA PRO A 129 -15.80 15.24 -6.63
C PRO A 129 -16.75 14.25 -5.95
N LEU A 130 -16.25 13.06 -5.66
CA LEU A 130 -17.08 12.03 -5.02
C LEU A 130 -17.83 12.47 -3.76
N TYR A 131 -17.13 13.17 -2.87
CA TYR A 131 -17.77 13.60 -1.63
C TYR A 131 -18.97 14.51 -1.83
N HIS A 132 -18.94 15.33 -2.88
CA HIS A 132 -20.09 16.21 -3.12
C HIS A 132 -21.22 15.38 -3.72
N TYR A 133 -20.87 14.41 -4.55
CA TYR A 133 -21.89 13.57 -5.15
C TYR A 133 -22.60 12.69 -4.12
N LEU A 134 -21.90 12.33 -3.05
CA LEU A 134 -22.49 11.47 -2.04
C LEU A 134 -23.26 12.23 -0.97
N GLY A 135 -22.68 13.32 -0.46
CA GLY A 135 -23.34 14.06 0.60
C GLY A 135 -23.93 15.42 0.30
N GLY A 136 -23.79 15.90 -0.92
CA GLY A 136 -24.35 17.19 -1.24
C GLY A 136 -23.33 18.30 -1.26
N PHE A 137 -23.80 19.55 -1.20
CA PHE A 137 -22.93 20.71 -1.25
C PHE A 137 -22.24 21.05 0.07
N ASN A 138 -22.88 20.71 1.17
CA ASN A 138 -22.36 21.02 2.50
C ASN A 138 -21.49 19.91 3.10
N THR A 139 -20.47 19.51 2.34
CA THR A 139 -19.55 18.46 2.77
C THR A 139 -18.17 19.05 2.97
N LYS A 140 -17.85 19.47 4.20
CA LYS A 140 -16.55 20.08 4.42
C LYS A 140 -15.75 19.72 5.67
N VAL A 141 -16.34 18.96 6.60
CA VAL A 141 -15.59 18.61 7.81
C VAL A 141 -14.66 17.41 7.64
N LEU A 142 -13.35 17.66 7.65
CA LEU A 142 -12.36 16.60 7.51
C LEU A 142 -12.27 15.82 8.81
N PRO A 143 -12.24 14.49 8.72
CA PRO A 143 -12.18 13.62 9.88
C PRO A 143 -10.94 13.76 10.75
N THR A 144 -11.12 13.55 12.04
CA THR A 144 -10.01 13.56 13.00
C THR A 144 -9.67 12.08 12.95
N PRO A 145 -8.43 11.74 12.55
CA PRO A 145 -8.00 10.34 12.45
C PRO A 145 -7.58 9.60 13.70
N MET A 146 -7.88 8.30 13.69
CA MET A 146 -7.53 7.37 14.77
C MET A 146 -6.42 6.56 14.12
N MET A 147 -5.18 6.92 14.41
CA MET A 147 -4.03 6.29 13.80
C MET A 147 -3.42 5.15 14.60
N ASN A 148 -3.40 3.96 14.01
CA ASN A 148 -2.82 2.79 14.64
C ASN A 148 -1.32 2.99 14.80
N ILE A 149 -0.80 2.74 16.00
CA ILE A 149 0.63 2.94 16.22
C ILE A 149 1.28 1.75 16.96
N ILE A 150 0.59 1.20 17.96
CA ILE A 150 1.10 0.04 18.69
C ILE A 150 0.05 -1.07 18.63
N ASN A 151 0.47 -2.27 18.23
CA ASN A 151 -0.43 -3.41 18.11
C ASN A 151 -0.19 -4.46 19.19
N GLY A 152 -1.27 -5.08 19.65
CA GLY A 152 -1.16 -6.11 20.68
C GLY A 152 -2.15 -7.23 20.50
N GLY A 153 -2.58 -7.83 21.60
CA GLY A 153 -3.54 -8.91 21.52
C GLY A 153 -3.12 -9.98 20.53
N SER A 154 -4.04 -10.37 19.66
CA SER A 154 -3.78 -11.41 18.66
C SER A 154 -3.11 -10.85 17.40
N HIS A 155 -3.11 -9.53 17.28
CA HIS A 155 -2.48 -8.84 16.14
C HIS A 155 -1.03 -8.55 16.52
N ALA A 156 -0.53 -9.29 17.50
CA ALA A 156 0.83 -9.12 17.97
C ALA A 156 1.26 -10.31 18.82
N ASP A 157 2.55 -10.38 19.12
CA ASP A 157 3.09 -11.46 19.93
C ASP A 157 3.83 -10.83 21.10
N ASN A 158 3.10 -10.12 21.95
CA ASN A 158 3.70 -9.45 23.08
C ASN A 158 2.81 -9.52 24.32
N SER A 159 3.13 -8.70 25.32
CA SER A 159 2.37 -8.69 26.54
C SER A 159 1.36 -7.55 26.58
N ILE A 160 0.50 -7.49 25.57
CA ILE A 160 -0.51 -6.44 25.49
C ILE A 160 -1.85 -7.04 25.06
N ASP A 161 -2.77 -7.15 26.01
CA ASP A 161 -4.09 -7.73 25.75
C ASP A 161 -4.89 -7.01 24.70
N PHE A 162 -4.87 -5.68 24.75
CA PHE A 162 -5.62 -4.88 23.81
C PHE A 162 -5.07 -5.03 22.39
N GLN A 163 -5.97 -5.11 21.43
CA GLN A 163 -5.59 -5.30 20.04
C GLN A 163 -4.77 -4.17 19.45
N GLU A 164 -5.14 -2.91 19.71
CA GLU A 164 -4.37 -1.81 19.14
C GLU A 164 -4.50 -0.48 19.86
N PHE A 165 -3.42 0.28 19.85
CA PHE A 165 -3.38 1.60 20.47
C PHE A 165 -3.25 2.61 19.33
N MET A 166 -4.08 3.65 19.36
CA MET A 166 -4.06 4.66 18.32
C MET A 166 -3.89 6.07 18.85
N ILE A 167 -3.29 6.93 18.04
CA ILE A 167 -3.10 8.34 18.42
C ILE A 167 -4.06 9.17 17.58
N MET A 168 -4.58 10.24 18.17
CA MET A 168 -5.49 11.15 17.49
C MET A 168 -4.96 12.57 17.63
N PRO A 169 -4.52 13.18 16.52
CA PRO A 169 -3.99 14.54 16.51
C PRO A 169 -5.05 15.62 16.60
N VAL A 170 -5.74 15.68 17.73
CA VAL A 170 -6.83 16.66 17.90
C VAL A 170 -6.41 18.12 18.02
N GLY A 171 -5.16 18.37 18.36
CA GLY A 171 -4.71 19.75 18.51
C GLY A 171 -4.29 20.47 17.25
N ALA A 172 -4.30 19.77 16.12
CA ALA A 172 -3.91 20.37 14.86
C ALA A 172 -4.99 21.32 14.34
N PRO A 173 -4.59 22.35 13.60
CA PRO A 173 -5.50 23.33 13.03
C PRO A 173 -6.18 22.81 11.76
N THR A 174 -5.57 21.81 11.14
CA THR A 174 -6.10 21.27 9.90
C THR A 174 -5.79 19.78 9.78
N PHE A 175 -6.40 19.12 8.81
CA PHE A 175 -6.13 17.71 8.60
C PHE A 175 -4.67 17.56 8.22
N LYS A 176 -4.21 18.41 7.29
CA LYS A 176 -2.82 18.40 6.80
C LYS A 176 -1.79 18.45 7.92
N GLU A 177 -2.03 19.30 8.91
CA GLU A 177 -1.13 19.41 10.05
C GLU A 177 -1.28 18.19 10.94
N ALA A 178 -2.51 17.74 11.13
CA ALA A 178 -2.74 16.57 11.95
C ALA A 178 -1.96 15.42 11.33
N LEU A 179 -2.04 15.27 10.01
CA LEU A 179 -1.33 14.19 9.32
C LEU A 179 0.17 14.29 9.61
N ARG A 180 0.67 15.52 9.61
CA ARG A 180 2.08 15.77 9.86
C ARG A 180 2.40 15.38 11.29
N MET A 181 1.48 15.73 12.18
CA MET A 181 1.64 15.46 13.60
C MET A 181 1.73 13.95 13.86
N GLY A 182 0.81 13.20 13.28
CA GLY A 182 0.82 11.76 13.45
C GLY A 182 2.03 11.10 12.83
N ALA A 183 2.53 11.68 11.74
CA ALA A 183 3.69 11.13 11.05
C ALA A 183 4.96 11.35 11.84
N GLU A 184 5.09 12.52 12.45
CA GLU A 184 6.29 12.80 13.23
C GLU A 184 6.30 11.94 14.49
N VAL A 185 5.14 11.69 15.08
CA VAL A 185 5.08 10.85 16.27
C VAL A 185 5.43 9.42 15.88
N PHE A 186 4.82 8.96 14.80
CA PHE A 186 5.04 7.61 14.28
C PHE A 186 6.53 7.33 14.07
N HIS A 187 7.25 8.32 13.56
CA HIS A 187 8.68 8.15 13.32
C HIS A 187 9.47 8.28 14.63
N ALA A 188 9.16 9.28 15.44
CA ALA A 188 9.85 9.46 16.71
C ALA A 188 9.81 8.14 17.46
N LEU A 189 8.65 7.49 17.41
CA LEU A 189 8.45 6.22 18.09
C LEU A 189 9.31 5.12 17.46
N ALA A 190 9.24 4.96 16.14
CA ALA A 190 10.03 3.94 15.48
C ALA A 190 11.48 4.08 15.91
N ALA A 191 11.89 5.32 16.18
CA ALA A 191 13.25 5.60 16.61
C ALA A 191 13.47 5.05 18.01
N ILE A 192 12.53 5.34 18.90
CA ILE A 192 12.61 4.88 20.27
C ILE A 192 12.69 3.35 20.33
N LEU A 193 11.96 2.67 19.45
CA LEU A 193 11.95 1.21 19.43
C LEU A 193 13.24 0.57 18.92
N LYS A 194 13.74 1.06 17.79
CA LYS A 194 14.96 0.49 17.23
C LYS A 194 16.13 0.78 18.16
N SER A 195 16.08 1.91 18.85
CA SER A 195 17.16 2.28 19.77
C SER A 195 16.97 1.52 21.08
N ARG A 196 15.77 1.01 21.30
CA ARG A 196 15.45 0.27 22.50
C ARG A 196 15.65 -1.22 22.22
N GLY A 197 15.93 -1.52 20.96
CA GLY A 197 16.14 -2.90 20.54
C GLY A 197 14.89 -3.64 20.10
N LEU A 198 13.75 -2.96 20.07
CA LEU A 198 12.50 -3.60 19.67
C LEU A 198 12.29 -3.67 18.16
N ALA A 199 11.46 -4.63 17.74
CA ALA A 199 11.15 -4.84 16.33
C ALA A 199 10.46 -3.63 15.72
N THR A 200 10.83 -3.31 14.49
CA THR A 200 10.26 -2.16 13.81
C THR A 200 9.43 -2.49 12.57
N SER A 201 9.44 -3.77 12.17
CA SER A 201 8.66 -4.20 11.02
C SER A 201 7.19 -3.83 11.24
N VAL A 202 6.38 -3.89 10.19
CA VAL A 202 4.97 -3.54 10.35
C VAL A 202 3.99 -4.66 10.00
N GLY A 203 2.76 -4.51 10.50
CA GLY A 203 1.72 -5.49 10.24
C GLY A 203 0.77 -5.04 9.14
N ASP A 204 -0.47 -5.52 9.21
CA ASP A 204 -1.49 -5.19 8.22
C ASP A 204 -1.90 -3.71 8.22
N GLU A 205 -2.09 -3.14 9.40
CA GLU A 205 -2.46 -1.74 9.52
C GLU A 205 -1.26 -0.84 9.26
N GLY A 206 -0.06 -1.44 9.26
CA GLY A 206 1.16 -0.69 9.03
C GLY A 206 1.75 -0.10 10.31
N GLY A 207 1.26 -0.56 11.46
CA GLY A 207 1.76 -0.04 12.72
C GLY A 207 2.83 -0.91 13.34
N PHE A 208 3.25 -0.57 14.55
CA PHE A 208 4.28 -1.33 15.23
C PHE A 208 3.72 -2.38 16.17
N ALA A 209 4.45 -3.49 16.30
CA ALA A 209 4.04 -4.56 17.19
C ALA A 209 5.24 -4.98 18.03
N PRO A 210 5.91 -4.01 18.68
CA PRO A 210 7.07 -4.31 19.51
C PRO A 210 6.69 -5.26 20.62
N ASN A 211 7.69 -5.85 21.27
CA ASN A 211 7.40 -6.78 22.33
C ASN A 211 7.45 -6.09 23.69
N LEU A 212 6.51 -5.19 23.93
CA LEU A 212 6.46 -4.47 25.18
C LEU A 212 6.10 -5.42 26.33
N GLY A 213 6.34 -4.98 27.56
CA GLY A 213 6.09 -5.83 28.71
C GLY A 213 4.67 -5.90 29.28
N SER A 214 3.94 -4.81 29.20
CA SER A 214 2.57 -4.78 29.71
C SER A 214 1.70 -3.88 28.85
N ASN A 215 0.50 -3.58 29.33
CA ASN A 215 -0.40 -2.71 28.60
C ASN A 215 0.03 -1.28 28.84
N GLU A 216 0.40 -0.98 30.09
CA GLU A 216 0.85 0.36 30.44
C GLU A 216 2.05 0.76 29.60
N GLU A 217 2.97 -0.16 29.37
CA GLU A 217 4.16 0.13 28.57
C GLU A 217 3.79 0.44 27.13
N GLY A 218 2.51 0.26 26.81
CA GLY A 218 2.06 0.55 25.47
C GLY A 218 1.71 2.02 25.40
N PHE A 219 0.84 2.46 26.30
CA PHE A 219 0.45 3.85 26.34
C PHE A 219 1.66 4.73 26.65
N GLU A 220 2.43 4.33 27.66
CA GLU A 220 3.60 5.08 28.08
C GLU A 220 4.59 5.35 26.95
N VAL A 221 4.96 4.30 26.22
CA VAL A 221 5.90 4.46 25.11
C VAL A 221 5.32 5.41 24.06
N ILE A 222 4.00 5.38 23.88
CA ILE A 222 3.34 6.27 22.91
C ILE A 222 3.44 7.70 23.43
N ILE A 223 3.36 7.87 24.74
CA ILE A 223 3.44 9.20 25.31
C ILE A 223 4.83 9.75 25.03
N GLU A 224 5.84 8.89 25.15
CA GLU A 224 7.22 9.28 24.88
C GLU A 224 7.33 9.87 23.49
N ALA A 225 6.89 9.11 22.50
CA ALA A 225 6.93 9.53 21.10
C ALA A 225 6.27 10.90 20.91
N ILE A 226 5.12 11.12 21.55
CA ILE A 226 4.41 12.38 21.41
C ILE A 226 5.32 13.51 21.87
N GLU A 227 5.92 13.33 23.04
CA GLU A 227 6.81 14.32 23.63
C GLU A 227 8.12 14.50 22.86
N LYS A 228 8.67 13.41 22.32
CA LYS A 228 9.91 13.49 21.55
C LYS A 228 9.62 14.22 20.25
N ALA A 229 8.46 13.93 19.67
CA ALA A 229 8.02 14.54 18.42
C ALA A 229 7.85 16.05 18.57
N GLY A 230 7.72 16.52 19.82
CA GLY A 230 7.57 17.94 20.06
C GLY A 230 6.17 18.36 20.45
N TYR A 231 5.26 17.41 20.55
CA TYR A 231 3.89 17.73 20.92
C TYR A 231 3.56 17.33 22.35
N VAL A 232 2.59 18.01 22.95
CA VAL A 232 2.18 17.73 24.32
C VAL A 232 0.98 16.78 24.36
N PRO A 233 1.10 15.65 25.07
CA PRO A 233 0.06 14.64 25.21
C PRO A 233 -1.28 15.20 25.66
N GLY A 234 -1.26 16.42 26.16
CA GLY A 234 -2.51 17.01 26.59
C GLY A 234 -3.43 17.36 25.42
N LYS A 235 -3.12 18.47 24.75
CA LYS A 235 -3.94 18.98 23.65
C LYS A 235 -3.58 18.59 22.21
N ASP A 236 -2.30 18.39 21.92
CA ASP A 236 -1.91 18.05 20.56
C ASP A 236 -2.35 16.65 20.14
N VAL A 237 -1.92 15.66 20.90
CA VAL A 237 -2.25 14.28 20.61
C VAL A 237 -2.96 13.64 21.78
N VAL A 238 -4.03 12.92 21.48
CA VAL A 238 -4.79 12.25 22.51
C VAL A 238 -4.70 10.75 22.20
N LEU A 239 -5.32 9.90 23.01
CA LEU A 239 -5.24 8.47 22.78
C LEU A 239 -6.56 7.75 22.54
N ALA A 240 -6.51 6.74 21.69
CA ALA A 240 -7.67 5.92 21.37
C ALA A 240 -7.19 4.48 21.34
N MET A 241 -8.07 3.55 21.69
CA MET A 241 -7.70 2.15 21.70
C MET A 241 -8.80 1.22 21.25
N ASP A 242 -8.41 0.06 20.75
CA ASP A 242 -9.35 -0.96 20.31
C ASP A 242 -9.01 -2.15 21.19
N ALA A 243 -9.86 -2.40 22.18
CA ALA A 243 -9.66 -3.48 23.12
C ALA A 243 -9.99 -4.82 22.47
N ALA A 244 -11.04 -4.84 21.68
CA ALA A 244 -11.47 -6.07 21.01
C ALA A 244 -11.53 -7.15 22.10
N SER A 245 -12.22 -6.82 23.19
CA SER A 245 -12.33 -7.74 24.31
C SER A 245 -12.86 -9.13 23.97
N SER A 246 -13.65 -9.24 22.90
CA SER A 246 -14.19 -10.54 22.51
C SER A 246 -13.04 -11.53 22.32
N GLU A 247 -11.85 -11.02 22.03
CA GLU A 247 -10.67 -11.86 21.83
C GLU A 247 -10.24 -12.53 23.12
N PHE A 248 -10.10 -11.75 24.18
CA PHE A 248 -9.67 -12.31 25.46
C PHE A 248 -10.83 -12.57 26.42
N TYR A 249 -12.02 -12.79 25.88
CA TYR A 249 -13.18 -13.08 26.71
C TYR A 249 -13.47 -14.57 26.66
N ASP A 250 -13.81 -15.15 27.80
CA ASP A 250 -14.10 -16.57 27.85
C ASP A 250 -15.59 -16.82 28.03
N LYS A 251 -16.22 -17.37 26.99
CA LYS A 251 -17.65 -17.65 27.06
C LYS A 251 -17.97 -18.63 28.16
N GLU A 252 -17.19 -19.70 28.26
CA GLU A 252 -17.40 -20.72 29.28
C GLU A 252 -17.12 -20.20 30.69
N LYS A 253 -15.95 -19.62 30.89
CA LYS A 253 -15.58 -19.09 32.20
C LYS A 253 -16.46 -17.90 32.58
N GLY A 254 -16.94 -17.17 31.57
CA GLY A 254 -17.78 -16.01 31.81
C GLY A 254 -17.02 -14.77 32.21
N VAL A 255 -15.69 -14.82 32.10
CA VAL A 255 -14.87 -13.68 32.48
C VAL A 255 -13.88 -13.28 31.37
N TYR A 256 -13.16 -12.19 31.60
CA TYR A 256 -12.17 -11.73 30.64
C TYR A 256 -10.83 -12.17 31.17
N VAL A 257 -10.03 -12.81 30.32
CA VAL A 257 -8.73 -13.29 30.74
C VAL A 257 -7.56 -12.61 30.04
N LEU A 258 -6.81 -11.81 30.80
CA LEU A 258 -5.65 -11.08 30.29
C LEU A 258 -4.42 -11.96 30.23
N ALA A 259 -4.44 -12.95 29.35
CA ALA A 259 -3.30 -13.85 29.20
C ALA A 259 -2.03 -13.05 28.94
N ASP A 260 -1.91 -12.52 27.73
CA ASP A 260 -0.75 -11.73 27.30
C ASP A 260 -0.20 -10.84 28.41
N SER A 261 -1.06 -10.03 29.00
CA SER A 261 -0.66 -9.12 30.07
C SER A 261 -0.08 -9.93 31.23
N GLY A 262 -0.71 -11.07 31.51
CA GLY A 262 -0.29 -11.92 32.59
C GLY A 262 -1.01 -11.55 33.88
N GLU A 263 -1.96 -10.63 33.77
CA GLU A 263 -2.75 -10.16 34.90
C GLU A 263 -3.88 -11.11 35.27
N GLY A 264 -3.90 -12.29 34.65
CA GLY A 264 -4.93 -13.27 34.95
C GLY A 264 -6.30 -12.92 34.43
N GLU A 265 -7.33 -13.42 35.10
CA GLU A 265 -8.68 -13.14 34.65
C GLU A 265 -9.37 -12.05 35.45
N LYS A 266 -10.26 -11.32 34.77
CA LYS A 266 -11.01 -10.22 35.38
C LYS A 266 -12.50 -10.34 35.08
N THR A 267 -13.32 -9.72 35.92
CA THR A 267 -14.76 -9.72 35.77
C THR A 267 -15.13 -8.49 34.96
N THR A 268 -16.34 -8.46 34.42
CA THR A 268 -16.72 -7.30 33.64
C THR A 268 -16.66 -6.07 34.54
N ASP A 269 -17.03 -6.23 35.81
CA ASP A 269 -16.99 -5.12 36.75
C ASP A 269 -15.54 -4.69 36.93
N GLU A 270 -14.63 -5.65 36.91
CA GLU A 270 -13.22 -5.36 37.06
C GLU A 270 -12.69 -4.67 35.81
N MET A 271 -13.09 -5.17 34.64
CA MET A 271 -12.66 -4.58 33.38
C MET A 271 -13.08 -3.11 33.30
N ILE A 272 -14.33 -2.82 33.62
CA ILE A 272 -14.82 -1.44 33.59
C ILE A 272 -13.96 -0.59 34.52
N LYS A 273 -13.52 -1.20 35.61
CA LYS A 273 -12.68 -0.54 36.58
C LYS A 273 -11.30 -0.29 35.96
N PHE A 274 -10.81 -1.29 35.23
CA PHE A 274 -9.51 -1.19 34.59
C PHE A 274 -9.51 0.01 33.67
N TYR A 275 -10.52 0.10 32.82
CA TYR A 275 -10.64 1.21 31.88
C TYR A 275 -10.67 2.54 32.63
N GLU A 276 -11.30 2.56 33.81
CA GLU A 276 -11.36 3.78 34.60
C GLU A 276 -9.98 4.16 35.10
N GLU A 277 -9.15 3.16 35.36
CA GLU A 277 -7.80 3.43 35.84
C GLU A 277 -6.96 3.96 34.66
N LEU A 278 -7.00 3.24 33.54
CA LEU A 278 -6.26 3.62 32.35
C LEU A 278 -6.60 5.04 31.88
N VAL A 279 -7.87 5.40 31.99
CA VAL A 279 -8.33 6.72 31.55
C VAL A 279 -7.84 7.86 32.44
N SER A 280 -7.63 7.58 33.72
CA SER A 280 -7.16 8.63 34.62
C SER A 280 -5.67 8.78 34.47
N LYS A 281 -4.97 7.67 34.25
CA LYS A 281 -3.51 7.69 34.07
C LYS A 281 -3.08 8.15 32.68
N TYR A 282 -3.97 8.05 31.70
CA TYR A 282 -3.62 8.42 30.33
C TYR A 282 -4.70 9.22 29.62
N PRO A 283 -4.30 10.03 28.63
CA PRO A 283 -5.22 10.86 27.85
C PRO A 283 -5.97 10.02 26.83
N ILE A 284 -6.75 9.07 27.32
CA ILE A 284 -7.54 8.18 26.47
C ILE A 284 -8.91 8.78 26.23
N ILE A 285 -9.22 9.03 24.96
CA ILE A 285 -10.49 9.63 24.56
C ILE A 285 -11.47 8.63 23.95
N SER A 286 -10.96 7.51 23.47
CA SER A 286 -11.86 6.52 22.88
C SER A 286 -11.46 5.07 23.14
N ILE A 287 -12.47 4.26 23.45
CA ILE A 287 -12.27 2.84 23.71
C ILE A 287 -13.23 2.06 22.80
N GLU A 288 -12.67 1.15 22.00
CA GLU A 288 -13.45 0.35 21.06
C GLU A 288 -13.65 -1.08 21.56
N ASP A 289 -14.89 -1.55 21.55
CA ASP A 289 -15.21 -2.89 22.03
C ASP A 289 -14.49 -3.22 23.33
N GLY A 290 -14.81 -2.44 24.37
CA GLY A 290 -14.20 -2.65 25.67
C GLY A 290 -14.76 -3.84 26.42
N LEU A 291 -15.90 -4.34 25.96
CA LEU A 291 -16.52 -5.51 26.58
C LEU A 291 -17.02 -6.42 25.47
N ASP A 292 -17.17 -7.71 25.77
CA ASP A 292 -17.59 -8.69 24.78
C ASP A 292 -18.82 -8.31 23.98
N GLU A 293 -18.82 -8.78 22.74
CA GLU A 293 -19.90 -8.53 21.78
C GLU A 293 -21.28 -8.96 22.25
N ASN A 294 -21.35 -9.66 23.39
CA ASN A 294 -22.63 -10.10 23.90
C ASN A 294 -22.95 -9.55 25.27
N ASP A 295 -21.97 -8.90 25.89
CA ASP A 295 -22.16 -8.32 27.22
C ASP A 295 -22.97 -7.04 27.08
N TRP A 296 -24.16 -7.18 26.51
CA TRP A 296 -25.04 -6.03 26.34
C TRP A 296 -25.21 -5.29 27.67
N ASP A 297 -25.34 -6.05 28.75
CA ASP A 297 -25.51 -5.48 30.09
C ASP A 297 -24.29 -4.72 30.57
N GLY A 298 -23.11 -5.31 30.34
CA GLY A 298 -21.87 -4.69 30.75
C GLY A 298 -21.55 -3.40 30.01
N PHE A 299 -21.88 -3.36 28.72
CA PHE A 299 -21.64 -2.16 27.93
C PHE A 299 -22.49 -0.99 28.45
N LYS A 300 -23.69 -1.33 28.93
CA LYS A 300 -24.58 -0.31 29.46
C LYS A 300 -23.95 0.35 30.68
N LYS A 301 -23.33 -0.46 31.54
CA LYS A 301 -22.69 0.06 32.75
C LYS A 301 -21.44 0.84 32.38
N LEU A 302 -20.67 0.29 31.44
CA LEU A 302 -19.45 0.95 30.98
C LEU A 302 -19.85 2.32 30.44
N THR A 303 -20.94 2.35 29.68
CA THR A 303 -21.43 3.60 29.11
C THR A 303 -21.86 4.58 30.20
N ASP A 304 -22.46 4.07 31.26
CA ASP A 304 -22.90 4.95 32.34
C ASP A 304 -21.74 5.61 33.09
N VAL A 305 -20.70 4.83 33.39
CA VAL A 305 -19.56 5.38 34.12
C VAL A 305 -18.59 6.23 33.32
N LEU A 306 -18.32 5.84 32.07
CA LEU A 306 -17.38 6.58 31.24
C LEU A 306 -17.95 7.36 30.07
N GLY A 307 -19.10 6.94 29.57
CA GLY A 307 -19.72 7.58 28.42
C GLY A 307 -19.82 9.10 28.37
N ASP A 308 -19.70 9.76 29.51
CA ASP A 308 -19.81 11.22 29.53
C ASP A 308 -18.55 11.92 29.04
N LYS A 309 -17.40 11.27 29.16
CA LYS A 309 -16.15 11.91 28.74
C LYS A 309 -15.25 10.97 27.94
N VAL A 310 -15.83 9.89 27.43
CA VAL A 310 -15.07 8.93 26.65
C VAL A 310 -15.93 8.30 25.58
N GLN A 311 -15.43 8.25 24.35
CA GLN A 311 -16.17 7.64 23.27
C GLN A 311 -16.10 6.12 23.37
N LEU A 312 -17.26 5.50 23.45
CA LEU A 312 -17.32 4.04 23.53
C LEU A 312 -17.81 3.57 22.17
N VAL A 313 -16.91 2.98 21.38
CA VAL A 313 -17.26 2.53 20.04
C VAL A 313 -17.64 1.06 20.03
N GLY A 314 -18.63 0.73 19.20
CA GLY A 314 -19.06 -0.64 19.09
C GLY A 314 -18.78 -1.18 17.70
N ASP A 315 -17.77 -2.03 17.59
CA ASP A 315 -17.41 -2.64 16.31
C ASP A 315 -18.07 -4.02 16.26
N ASP A 316 -17.50 -4.99 16.96
CA ASP A 316 -18.08 -6.33 16.98
C ASP A 316 -19.46 -6.26 17.64
N LEU A 317 -19.67 -5.20 18.41
CA LEU A 317 -20.93 -5.02 19.12
C LEU A 317 -22.12 -4.82 18.18
N PHE A 318 -21.94 -3.98 17.16
CA PHE A 318 -23.01 -3.68 16.21
C PHE A 318 -22.85 -4.30 14.83
N VAL A 319 -21.62 -4.63 14.46
CA VAL A 319 -21.33 -5.23 13.17
C VAL A 319 -22.02 -4.47 12.01
N THR A 320 -21.99 -3.14 12.07
CA THR A 320 -22.59 -2.29 11.05
C THR A 320 -24.02 -2.71 10.72
N ASN A 321 -24.65 -3.39 11.67
CA ASN A 321 -26.02 -3.87 11.48
C ASN A 321 -26.99 -2.88 12.15
N THR A 322 -27.65 -2.04 11.36
CA THR A 322 -28.58 -1.04 11.89
C THR A 322 -29.55 -1.67 12.89
N GLN A 323 -29.74 -2.98 12.77
CA GLN A 323 -30.61 -3.74 13.66
C GLN A 323 -30.05 -3.64 15.08
N LYS A 324 -28.86 -4.19 15.28
CA LYS A 324 -28.19 -4.18 16.58
C LYS A 324 -27.92 -2.76 17.08
N LEU A 325 -27.67 -1.84 16.15
CA LEU A 325 -27.38 -0.45 16.49
C LEU A 325 -28.56 0.17 17.26
N SER A 326 -29.78 -0.04 16.77
CA SER A 326 -30.96 0.51 17.43
C SER A 326 -31.20 -0.19 18.76
N GLU A 327 -30.79 -1.45 18.84
CA GLU A 327 -30.94 -2.19 20.08
C GLU A 327 -30.07 -1.53 21.14
N GLY A 328 -28.89 -1.10 20.73
CA GLY A 328 -27.99 -0.44 21.65
C GLY A 328 -28.49 0.96 21.95
N ILE A 329 -28.95 1.64 20.92
CA ILE A 329 -29.45 3.00 21.09
C ILE A 329 -30.56 3.05 22.13
N GLU A 330 -31.47 2.08 22.06
CA GLU A 330 -32.58 2.03 22.99
C GLU A 330 -32.05 1.78 24.39
N LYS A 331 -31.39 0.64 24.57
CA LYS A 331 -30.84 0.29 25.87
C LYS A 331 -29.81 1.28 26.38
N GLY A 332 -29.31 2.13 25.49
CA GLY A 332 -28.32 3.12 25.88
C GLY A 332 -26.91 2.59 26.04
N ILE A 333 -26.47 1.72 25.14
CA ILE A 333 -25.14 1.17 25.21
C ILE A 333 -24.27 1.80 24.13
N ALA A 334 -23.03 2.14 24.50
CA ALA A 334 -22.08 2.77 23.59
C ALA A 334 -22.56 4.17 23.19
N ASN A 335 -21.75 4.87 22.40
CA ASN A 335 -22.09 6.21 21.93
C ASN A 335 -21.30 6.53 20.68
N SER A 336 -21.09 5.52 19.85
CA SER A 336 -20.35 5.64 18.61
C SER A 336 -20.34 4.27 17.96
N ILE A 337 -20.45 4.23 16.65
CA ILE A 337 -20.45 2.97 15.92
C ILE A 337 -19.38 2.97 14.83
N LEU A 338 -18.70 1.85 14.65
CA LEU A 338 -17.66 1.77 13.64
C LEU A 338 -18.32 1.26 12.38
N ILE A 339 -18.20 2.03 11.31
CA ILE A 339 -18.83 1.67 10.04
C ILE A 339 -17.89 1.00 9.06
N LYS A 340 -18.20 -0.25 8.73
CA LYS A 340 -17.38 -0.97 7.77
C LYS A 340 -18.25 -1.20 6.57
N VAL A 341 -17.92 -0.53 5.47
CA VAL A 341 -18.69 -0.62 4.24
C VAL A 341 -18.98 -2.03 3.68
N ASN A 342 -17.95 -2.85 3.53
CA ASN A 342 -18.15 -4.20 2.98
C ASN A 342 -18.93 -5.07 3.97
N GLN A 343 -19.09 -4.58 5.18
CA GLN A 343 -19.79 -5.32 6.23
C GLN A 343 -21.30 -5.13 6.12
N ILE A 344 -21.72 -3.99 5.57
CA ILE A 344 -23.13 -3.70 5.40
C ILE A 344 -23.56 -4.07 3.97
N GLY A 345 -22.68 -3.83 2.99
CA GLY A 345 -23.00 -4.21 1.62
C GLY A 345 -23.13 -3.20 0.49
N THR A 346 -23.77 -2.06 0.74
CA THR A 346 -23.96 -1.06 -0.29
C THR A 346 -23.69 0.32 0.27
N LEU A 347 -23.63 1.32 -0.62
CA LEU A 347 -23.38 2.68 -0.18
C LEU A 347 -24.59 3.32 0.48
N THR A 348 -25.78 3.03 -0.04
CA THR A 348 -26.99 3.61 0.54
C THR A 348 -27.28 3.03 1.92
N GLU A 349 -26.89 1.78 2.15
CA GLU A 349 -27.11 1.19 3.46
C GLU A 349 -26.10 1.79 4.43
N THR A 350 -24.91 2.04 3.93
CA THR A 350 -23.85 2.62 4.75
C THR A 350 -24.33 3.99 5.21
N PHE A 351 -24.76 4.82 4.26
CA PHE A 351 -25.23 6.15 4.61
C PHE A 351 -26.43 6.13 5.56
N GLU A 352 -27.32 5.17 5.37
CA GLU A 352 -28.47 5.06 6.23
C GLU A 352 -28.00 4.82 7.66
N ALA A 353 -26.99 3.97 7.80
CA ALA A 353 -26.44 3.67 9.12
C ALA A 353 -25.83 4.92 9.75
N ILE A 354 -25.05 5.66 8.97
CA ILE A 354 -24.39 6.87 9.46
C ILE A 354 -25.41 7.89 9.95
N GLU A 355 -26.54 7.97 9.26
CA GLU A 355 -27.58 8.91 9.62
C GLU A 355 -28.34 8.47 10.86
N MET A 356 -28.61 7.17 10.98
CA MET A 356 -29.32 6.66 12.13
C MET A 356 -28.47 6.93 13.36
N ALA A 357 -27.17 6.68 13.21
CA ALA A 357 -26.23 6.90 14.30
C ALA A 357 -26.25 8.36 14.71
N LYS A 358 -26.04 9.25 13.75
CA LYS A 358 -26.03 10.68 14.04
C LYS A 358 -27.29 11.10 14.80
N GLU A 359 -28.45 10.71 14.27
CA GLU A 359 -29.71 11.07 14.91
C GLU A 359 -29.81 10.61 16.36
N ALA A 360 -29.00 9.63 16.73
CA ALA A 360 -29.02 9.12 18.09
C ALA A 360 -27.98 9.86 18.93
N GLY A 361 -27.33 10.85 18.33
CA GLY A 361 -26.31 11.57 19.05
C GLY A 361 -25.05 10.73 19.10
N TYR A 362 -25.02 9.67 18.29
CA TYR A 362 -23.86 8.80 18.22
C TYR A 362 -22.87 9.30 17.17
N THR A 363 -21.70 8.68 17.18
CA THR A 363 -20.64 9.01 16.25
C THR A 363 -20.49 7.88 15.24
N ALA A 364 -20.11 8.22 14.01
CA ALA A 364 -19.92 7.23 12.96
C ALA A 364 -18.47 7.22 12.46
N VAL A 365 -17.69 6.27 12.93
CA VAL A 365 -16.30 6.19 12.52
C VAL A 365 -16.11 5.26 11.31
N VAL A 366 -16.02 5.86 10.13
CA VAL A 366 -15.82 5.11 8.90
C VAL A 366 -14.55 4.32 9.10
N SER A 367 -14.51 3.07 8.69
CA SER A 367 -13.31 2.26 8.92
C SER A 367 -12.78 1.48 7.74
N HIS A 368 -11.58 0.96 7.94
CA HIS A 368 -10.88 0.15 6.94
C HIS A 368 -10.89 -1.28 7.43
N ARG A 369 -10.36 -2.18 6.61
CA ARG A 369 -10.26 -3.59 6.95
C ARG A 369 -8.78 -3.96 6.87
N SER A 370 -8.41 -5.15 7.31
CA SER A 370 -7.01 -5.55 7.26
C SER A 370 -6.52 -5.67 5.81
N GLY A 371 -7.35 -6.25 4.94
CA GLY A 371 -6.99 -6.38 3.55
C GLY A 371 -7.61 -5.25 2.74
N GLU A 372 -6.83 -4.20 2.52
CA GLU A 372 -7.30 -3.04 1.78
C GLU A 372 -6.74 -3.00 0.37
N THR A 373 -7.03 -1.89 -0.31
CA THR A 373 -6.56 -1.64 -1.67
C THR A 373 -6.35 -0.15 -1.80
N GLU A 374 -5.97 0.31 -2.99
CA GLU A 374 -5.73 1.73 -3.21
C GLU A 374 -7.01 2.57 -3.14
N ASP A 375 -8.16 1.92 -3.28
CA ASP A 375 -9.42 2.64 -3.22
C ASP A 375 -9.49 3.49 -1.96
N SER A 376 -9.90 4.75 -2.10
CA SER A 376 -10.01 5.63 -0.95
C SER A 376 -11.44 6.16 -0.83
N THR A 377 -12.41 5.33 -1.20
CA THR A 377 -13.81 5.75 -1.13
C THR A 377 -14.29 6.12 0.26
N ILE A 378 -13.76 5.46 1.29
CA ILE A 378 -14.19 5.75 2.67
C ILE A 378 -13.81 7.15 3.13
N SER A 379 -12.77 7.72 2.52
CA SER A 379 -12.33 9.08 2.85
C SER A 379 -13.39 10.05 2.33
N ASP A 380 -13.83 9.86 1.10
CA ASP A 380 -14.86 10.75 0.59
C ASP A 380 -16.12 10.57 1.44
N ILE A 381 -16.40 9.33 1.85
CA ILE A 381 -17.58 9.06 2.67
C ILE A 381 -17.50 9.84 3.99
N ALA A 382 -16.31 9.81 4.61
CA ALA A 382 -16.10 10.52 5.85
C ALA A 382 -16.44 12.00 5.67
N VAL A 383 -15.97 12.61 4.59
CA VAL A 383 -16.23 14.02 4.32
C VAL A 383 -17.67 14.29 3.81
N ALA A 384 -18.21 13.37 3.02
CA ALA A 384 -19.57 13.50 2.49
C ALA A 384 -20.63 13.47 3.59
N THR A 385 -20.29 12.86 4.72
CA THR A 385 -21.21 12.77 5.83
C THR A 385 -20.76 13.65 6.99
N ASN A 386 -19.64 14.34 6.80
CA ASN A 386 -19.10 15.19 7.86
C ASN A 386 -19.06 14.37 9.14
N ALA A 387 -18.64 13.11 8.98
CA ALA A 387 -18.55 12.16 10.09
C ALA A 387 -17.83 12.72 11.30
N GLY A 388 -16.66 13.32 11.08
CA GLY A 388 -15.92 13.88 12.20
C GLY A 388 -14.67 13.11 12.58
N GLN A 389 -14.62 11.84 12.21
CA GLN A 389 -13.47 10.98 12.53
C GLN A 389 -13.34 9.87 11.49
N ILE A 390 -12.21 9.18 11.51
CA ILE A 390 -11.95 8.08 10.58
C ILE A 390 -10.88 7.19 11.20
N LYS A 391 -10.97 5.90 10.93
CA LYS A 391 -9.98 4.96 11.44
C LYS A 391 -9.53 4.16 10.22
N THR A 392 -8.42 4.58 9.62
CA THR A 392 -7.94 3.91 8.41
C THR A 392 -6.48 3.47 8.42
N GLY A 393 -5.94 3.19 9.59
CA GLY A 393 -4.57 2.71 9.66
C GLY A 393 -3.45 3.61 10.11
N SER A 394 -2.27 3.02 10.24
CA SER A 394 -1.08 3.75 10.66
C SER A 394 -0.56 4.65 9.52
N LEU A 395 0.65 5.17 9.67
CA LEU A 395 1.22 6.03 8.64
C LEU A 395 2.31 5.30 7.89
N SER A 396 1.95 4.12 7.42
CA SER A 396 2.81 3.22 6.62
C SER A 396 1.88 2.54 5.60
N ARG A 397 2.42 1.89 4.62
CA ARG A 397 1.68 1.14 3.65
C ARG A 397 0.59 1.95 2.94
N THR A 398 0.80 2.12 1.61
CA THR A 398 -0.13 2.73 0.68
C THR A 398 -1.58 2.26 0.89
N ASP A 399 -1.83 1.04 1.33
CA ASP A 399 -3.19 0.58 1.59
C ASP A 399 -3.79 1.45 2.70
N ARG A 400 -2.95 2.22 3.37
CA ARG A 400 -3.37 3.11 4.44
C ARG A 400 -3.14 4.56 4.06
N ILE A 401 -1.95 4.84 3.53
CA ILE A 401 -1.60 6.18 3.13
C ILE A 401 -2.49 6.74 2.00
N ALA A 402 -2.92 5.88 1.08
CA ALA A 402 -3.77 6.31 -0.01
C ALA A 402 -5.04 7.02 0.50
N LYS A 403 -5.52 6.61 1.68
CA LYS A 403 -6.72 7.24 2.25
C LYS A 403 -6.37 8.63 2.81
N TYR A 404 -5.17 8.75 3.40
CA TYR A 404 -4.70 10.02 3.96
C TYR A 404 -4.34 11.00 2.85
N ASN A 405 -3.72 10.50 1.78
CA ASN A 405 -3.37 11.35 0.66
C ASN A 405 -4.67 11.89 0.09
N GLN A 406 -5.68 11.04 -0.01
CA GLN A 406 -6.97 11.46 -0.54
C GLN A 406 -7.64 12.52 0.33
N LEU A 407 -7.44 12.45 1.65
CA LEU A 407 -8.02 13.47 2.51
C LEU A 407 -7.29 14.79 2.30
N LEU A 408 -6.01 14.70 1.93
CA LEU A 408 -5.23 15.90 1.69
C LEU A 408 -5.83 16.62 0.49
N ARG A 409 -6.10 15.86 -0.57
CA ARG A 409 -6.66 16.44 -1.78
C ARG A 409 -8.00 17.07 -1.48
N ILE A 410 -8.84 16.36 -0.74
CA ILE A 410 -10.14 16.90 -0.39
C ILE A 410 -9.94 18.21 0.38
N GLU A 411 -9.09 18.20 1.39
CA GLU A 411 -8.86 19.42 2.15
C GLU A 411 -8.35 20.52 1.20
N ASP A 412 -7.48 20.11 0.28
CA ASP A 412 -6.89 21.03 -0.68
C ASP A 412 -7.90 21.64 -1.64
N GLN A 413 -8.70 20.81 -2.30
CA GLN A 413 -9.67 21.32 -3.27
C GLN A 413 -10.87 21.95 -2.59
N LEU A 414 -10.93 21.82 -1.28
CA LEU A 414 -12.03 22.36 -0.49
C LEU A 414 -11.69 23.82 -0.16
N GLY A 415 -10.41 24.14 -0.14
CA GLY A 415 -9.98 25.50 0.12
C GLY A 415 -10.29 26.10 1.46
N GLU A 416 -10.66 27.38 1.45
CA GLU A 416 -10.95 28.12 2.67
C GLU A 416 -12.26 27.73 3.38
N VAL A 417 -12.97 26.74 2.85
CA VAL A 417 -14.21 26.30 3.49
C VAL A 417 -13.96 24.96 4.18
N ALA A 418 -12.75 24.42 3.99
CA ALA A 418 -12.39 23.16 4.63
C ALA A 418 -12.39 23.38 6.13
N GLU A 419 -12.75 22.36 6.89
CA GLU A 419 -12.80 22.44 8.34
C GLU A 419 -12.21 21.21 8.99
N TYR A 420 -11.57 21.41 10.13
CA TYR A 420 -10.99 20.33 10.92
C TYR A 420 -11.44 20.61 12.34
N LYS A 421 -12.36 19.80 12.83
CA LYS A 421 -12.93 19.96 14.17
C LYS A 421 -12.04 19.46 15.31
N GLY A 422 -11.09 18.58 14.99
CA GLY A 422 -10.22 18.05 16.02
C GLY A 422 -11.02 17.48 17.17
N LEU A 423 -10.81 18.00 18.37
CA LEU A 423 -11.51 17.52 19.55
C LEU A 423 -13.00 17.87 19.50
N LYS A 424 -13.35 18.95 18.83
CA LYS A 424 -14.74 19.35 18.73
C LYS A 424 -15.52 18.40 17.82
N SER A 425 -14.92 17.25 17.51
CA SER A 425 -15.57 16.26 16.65
C SER A 425 -16.39 15.28 17.48
N PHE A 426 -16.07 15.21 18.76
CA PHE A 426 -16.76 14.31 19.69
C PHE A 426 -18.02 14.97 20.24
N TYR A 427 -18.95 15.28 19.36
CA TYR A 427 -20.18 15.92 19.77
C TYR A 427 -20.97 14.99 20.67
N ASN A 428 -20.56 13.72 20.71
CA ASN A 428 -21.23 12.71 21.52
C ASN A 428 -20.76 12.70 22.99
N LEU A 429 -19.74 13.50 23.30
CA LEU A 429 -19.19 13.57 24.64
C LEU A 429 -19.56 14.84 25.37
N LYS A 430 -20.54 14.74 26.26
CA LYS A 430 -20.99 15.88 27.03
C LYS A 430 -19.86 16.59 27.78
N ALA A 431 -19.28 15.91 28.75
CA ALA A 431 -18.19 16.48 29.55
C ALA A 431 -16.84 16.46 28.85
N ALA A 432 -16.37 17.65 28.45
CA ALA A 432 -15.09 17.83 27.77
C ALA A 432 -14.81 16.80 26.68
N SER B 2 -4.04 18.75 -27.32
CA SER B 2 -4.67 19.88 -26.57
C SER B 2 -3.64 20.52 -25.65
N ILE B 3 -3.69 21.84 -25.59
CA ILE B 3 -2.75 22.63 -24.81
C ILE B 3 -2.84 22.45 -23.32
N ILE B 4 -1.68 22.36 -22.67
CA ILE B 4 -1.63 22.21 -21.23
C ILE B 4 -2.05 23.53 -20.60
N THR B 5 -3.10 23.50 -19.78
CA THR B 5 -3.57 24.73 -19.15
C THR B 5 -3.16 24.84 -17.69
N ASP B 6 -2.99 23.69 -17.02
CA ASP B 6 -2.61 23.69 -15.60
C ASP B 6 -1.63 22.61 -15.22
N VAL B 7 -0.66 22.98 -14.41
CA VAL B 7 0.34 22.07 -13.90
C VAL B 7 0.41 22.43 -12.43
N TYR B 8 -0.12 21.57 -11.57
CA TYR B 8 -0.15 21.84 -10.13
C TYR B 8 0.38 20.71 -9.28
N ALA B 9 1.25 21.02 -8.33
CA ALA B 9 1.84 20.02 -7.47
C ALA B 9 1.49 20.23 -6.00
N ARG B 10 1.50 19.14 -5.23
CA ARG B 10 1.21 19.18 -3.81
C ARG B 10 2.02 18.13 -3.06
N GLU B 11 2.18 18.33 -1.75
CA GLU B 11 2.95 17.42 -0.90
C GLU B 11 2.08 16.31 -0.30
N ILE B 12 2.38 15.05 -0.66
CA ILE B 12 1.63 13.90 -0.13
C ILE B 12 2.61 12.96 0.58
N LEU B 13 2.14 11.79 0.98
CA LEU B 13 3.00 10.83 1.66
C LEU B 13 3.24 9.55 0.86
N ASP B 14 4.40 8.93 1.05
CA ASP B 14 4.73 7.68 0.37
C ASP B 14 4.44 6.51 1.31
N SER B 15 4.66 5.29 0.83
CA SER B 15 4.37 4.10 1.62
C SER B 15 5.15 3.97 2.93
N ARG B 16 6.20 4.76 3.10
CA ARG B 16 7.00 4.69 4.33
C ARG B 16 6.63 5.79 5.30
N GLY B 17 5.66 6.61 4.91
CA GLY B 17 5.21 7.69 5.76
C GLY B 17 5.98 8.99 5.60
N ASN B 18 6.85 9.07 4.60
CA ASN B 18 7.63 10.29 4.35
C ASN B 18 7.05 11.09 3.20
N PRO B 19 7.05 12.42 3.30
CA PRO B 19 6.51 13.25 2.22
C PRO B 19 7.16 13.06 0.87
N THR B 20 6.35 13.17 -0.17
CA THR B 20 6.79 13.06 -1.55
C THR B 20 5.93 14.02 -2.39
N ILE B 21 6.26 14.14 -3.67
CA ILE B 21 5.54 15.04 -4.54
C ILE B 21 4.51 14.38 -5.46
N GLU B 22 3.49 15.14 -5.80
CA GLU B 22 2.42 14.66 -6.66
C GLU B 22 2.09 15.83 -7.59
N VAL B 23 1.92 15.56 -8.88
CA VAL B 23 1.60 16.64 -9.82
C VAL B 23 0.40 16.33 -10.69
N GLU B 24 -0.48 17.31 -10.86
CA GLU B 24 -1.65 17.12 -11.70
C GLU B 24 -1.52 18.01 -12.92
N VAL B 25 -1.90 17.47 -14.07
CA VAL B 25 -1.84 18.21 -15.31
C VAL B 25 -3.20 18.20 -16.01
N TYR B 26 -3.68 19.39 -16.37
CA TYR B 26 -4.95 19.54 -17.07
C TYR B 26 -4.68 20.22 -18.40
N THR B 27 -5.48 19.86 -19.39
CA THR B 27 -5.35 20.43 -20.70
C THR B 27 -6.63 21.18 -21.00
N GLU B 28 -6.55 22.05 -21.99
CA GLU B 28 -7.66 22.86 -22.42
C GLU B 28 -8.99 22.11 -22.52
N SER B 29 -8.99 20.99 -23.23
CA SER B 29 -10.20 20.19 -23.42
C SER B 29 -10.64 19.37 -22.21
N GLY B 30 -9.90 19.47 -21.11
CA GLY B 30 -10.29 18.73 -19.91
C GLY B 30 -9.52 17.46 -19.59
N ALA B 31 -8.63 17.03 -20.49
CA ALA B 31 -7.85 15.83 -20.23
C ALA B 31 -7.11 16.09 -18.94
N PHE B 32 -6.88 15.03 -18.17
CA PHE B 32 -6.23 15.12 -16.86
C PHE B 32 -5.21 14.03 -16.63
N GLY B 33 -4.21 14.31 -15.81
CA GLY B 33 -3.18 13.33 -15.50
C GLY B 33 -2.55 13.61 -14.16
N ARG B 34 -2.27 12.58 -13.38
CA ARG B 34 -1.66 12.74 -12.07
C ARG B 34 -0.46 11.84 -11.94
N GLY B 35 0.69 12.45 -11.66
CA GLY B 35 1.91 11.67 -11.51
C GLY B 35 2.34 11.72 -10.06
N MET B 36 2.72 10.56 -9.53
CA MET B 36 3.17 10.46 -8.14
C MET B 36 4.62 9.99 -8.14
N VAL B 37 5.47 10.68 -7.39
CA VAL B 37 6.89 10.35 -7.36
C VAL B 37 7.37 9.47 -6.21
N PRO B 38 8.07 8.38 -6.53
CA PRO B 38 8.58 7.49 -5.49
C PRO B 38 9.89 8.01 -4.90
N SER B 39 10.40 7.30 -3.90
CA SER B 39 11.64 7.71 -3.25
C SER B 39 12.42 6.53 -2.70
N GLY B 40 13.74 6.62 -2.79
CA GLY B 40 14.60 5.56 -2.28
C GLY B 40 15.00 5.74 -0.84
N ALA B 41 15.42 4.66 -0.20
CA ALA B 41 15.85 4.68 1.20
C ALA B 41 17.01 5.66 1.38
N SER B 42 17.96 5.62 0.44
CA SER B 42 19.12 6.48 0.47
C SER B 42 19.51 6.88 -0.96
N THR B 43 20.50 7.75 -1.09
CA THR B 43 20.95 8.19 -2.40
C THR B 43 22.38 8.74 -2.38
N GLY B 44 23.01 8.79 -3.55
CA GLY B 44 24.37 9.29 -3.65
C GLY B 44 24.62 10.05 -4.94
N GLU B 45 25.82 9.88 -5.50
CA GLU B 45 26.21 10.54 -6.74
C GLU B 45 25.73 9.78 -7.96
N TYR B 46 25.74 10.45 -9.10
CA TYR B 46 25.31 9.86 -10.37
C TYR B 46 23.80 9.67 -10.39
N GLU B 47 23.18 9.82 -9.23
CA GLU B 47 21.74 9.68 -9.11
C GLU B 47 21.08 11.05 -9.06
N ALA B 48 20.11 11.28 -9.94
CA ALA B 48 19.40 12.55 -9.99
C ALA B 48 19.04 13.00 -8.57
N VAL B 49 19.11 14.30 -8.34
CA VAL B 49 18.83 14.84 -7.01
C VAL B 49 17.36 14.98 -6.62
N GLU B 50 17.04 14.48 -5.44
CA GLU B 50 15.72 14.54 -4.86
C GLU B 50 15.76 15.76 -3.94
N LEU B 51 14.93 16.76 -4.21
CA LEU B 51 14.94 17.97 -3.41
C LEU B 51 14.17 17.91 -2.08
N ARG B 52 14.91 17.95 -0.98
CA ARG B 52 14.31 17.92 0.35
C ARG B 52 14.44 19.31 0.95
N ASP B 53 13.50 19.69 1.80
CA ASP B 53 13.53 21.01 2.42
C ASP B 53 14.63 21.12 3.45
N GLY B 54 14.95 20.02 4.11
CA GLY B 54 15.99 20.06 5.12
C GLY B 54 15.60 20.91 6.32
N ASP B 55 14.33 20.89 6.67
CA ASP B 55 13.82 21.66 7.81
C ASP B 55 13.61 20.65 8.95
N LYS B 56 14.66 20.45 9.75
CA LYS B 56 14.63 19.50 10.86
C LYS B 56 13.39 19.55 11.78
N ALA B 57 12.65 20.65 11.75
CA ALA B 57 11.48 20.79 12.59
C ALA B 57 10.18 20.46 11.86
N ARG B 58 10.30 19.73 10.75
CA ARG B 58 9.12 19.35 9.97
C ARG B 58 9.42 18.08 9.16
N TYR B 59 8.78 16.98 9.54
CA TYR B 59 8.98 15.70 8.85
C TYR B 59 10.45 15.32 8.82
N GLY B 60 11.14 15.54 9.94
CA GLY B 60 12.55 15.20 10.01
C GLY B 60 13.32 15.83 8.88
N GLY B 61 12.88 17.00 8.45
CA GLY B 61 13.54 17.69 7.36
C GLY B 61 13.35 17.02 6.02
N LYS B 62 12.29 16.21 5.89
CA LYS B 62 12.05 15.50 4.65
C LYS B 62 10.90 16.04 3.82
N GLY B 63 10.43 17.23 4.18
CA GLY B 63 9.34 17.84 3.44
C GLY B 63 9.79 18.15 2.02
N VAL B 64 8.84 18.20 1.09
CA VAL B 64 9.18 18.48 -0.30
C VAL B 64 8.48 19.73 -0.73
N THR B 65 8.41 20.69 0.18
CA THR B 65 7.75 21.96 -0.07
C THR B 65 8.51 22.84 -1.10
N LYS B 66 9.82 22.66 -1.18
CA LYS B 66 10.65 23.41 -2.12
C LYS B 66 10.31 22.93 -3.53
N ALA B 67 10.29 21.61 -3.70
CA ALA B 67 9.98 21.00 -4.98
C ALA B 67 8.55 21.35 -5.40
N VAL B 68 7.63 21.35 -4.44
CA VAL B 68 6.26 21.69 -4.76
C VAL B 68 6.23 23.11 -5.31
N ASP B 69 6.97 24.00 -4.68
CA ASP B 69 7.04 25.38 -5.15
C ASP B 69 7.69 25.46 -6.52
N ASN B 70 8.75 24.69 -6.74
CA ASN B 70 9.42 24.71 -8.04
C ASN B 70 8.46 24.38 -9.18
N VAL B 71 7.65 23.35 -9.01
CA VAL B 71 6.70 22.96 -10.05
C VAL B 71 5.67 24.05 -10.24
N ASN B 72 5.11 24.54 -9.14
CA ASN B 72 4.09 25.57 -9.23
C ASN B 72 4.59 26.94 -9.66
N ASN B 73 5.74 27.35 -9.16
CA ASN B 73 6.26 28.67 -9.47
C ASN B 73 7.26 28.79 -10.61
N ILE B 74 7.98 27.73 -10.93
CA ILE B 74 8.92 27.79 -12.02
C ILE B 74 8.49 26.93 -13.20
N ILE B 75 8.38 25.63 -12.99
CA ILE B 75 8.01 24.72 -14.07
C ILE B 75 6.66 24.97 -14.74
N ALA B 76 5.61 25.20 -13.94
CA ALA B 76 4.27 25.43 -14.49
C ALA B 76 4.23 26.50 -15.57
N GLU B 77 4.82 27.64 -15.28
CA GLU B 77 4.85 28.77 -16.21
C GLU B 77 5.58 28.41 -17.49
N ALA B 78 6.57 27.56 -17.39
CA ALA B 78 7.38 27.14 -18.54
C ALA B 78 6.69 26.13 -19.45
N ILE B 79 5.93 25.22 -18.85
CA ILE B 79 5.26 24.18 -19.62
C ILE B 79 3.84 24.51 -20.12
N ILE B 80 3.12 25.34 -19.38
CA ILE B 80 1.77 25.70 -19.81
C ILE B 80 1.89 26.39 -21.16
N GLY B 81 1.10 25.93 -22.12
CA GLY B 81 1.17 26.49 -23.45
C GLY B 81 1.51 25.36 -24.41
N TYR B 82 2.28 24.40 -23.92
CA TYR B 82 2.68 23.24 -24.71
C TYR B 82 1.50 22.31 -25.01
N ASP B 83 1.69 21.41 -25.98
CA ASP B 83 0.66 20.43 -26.32
C ASP B 83 1.02 19.20 -25.46
N VAL B 84 0.10 18.80 -24.58
CA VAL B 84 0.34 17.68 -23.68
C VAL B 84 1.04 16.48 -24.33
N ARG B 85 0.87 16.32 -25.64
CA ARG B 85 1.50 15.19 -26.33
C ARG B 85 2.99 15.36 -26.63
N ASP B 86 3.55 16.53 -26.34
CA ASP B 86 4.97 16.81 -26.60
C ASP B 86 5.95 16.37 -25.50
N GLN B 87 5.87 15.10 -25.12
CA GLN B 87 6.73 14.55 -24.06
C GLN B 87 8.22 14.90 -24.16
N MET B 88 8.87 14.52 -25.26
CA MET B 88 10.30 14.80 -25.42
C MET B 88 10.63 16.27 -25.27
N ALA B 89 9.84 17.12 -25.93
CA ALA B 89 10.03 18.56 -25.86
C ALA B 89 9.88 19.07 -24.43
N ILE B 90 8.83 18.60 -23.74
CA ILE B 90 8.58 19.03 -22.37
C ILE B 90 9.67 18.56 -21.40
N ASP B 91 10.14 17.32 -21.55
CA ASP B 91 11.18 16.81 -20.67
C ASP B 91 12.51 17.50 -20.93
N LYS B 92 12.70 17.97 -22.15
CA LYS B 92 13.93 18.65 -22.52
C LYS B 92 13.86 20.09 -21.99
N ALA B 93 12.66 20.65 -21.98
CA ALA B 93 12.47 22.01 -21.50
C ALA B 93 12.73 22.11 -20.00
N MET B 94 12.26 21.12 -19.24
CA MET B 94 12.46 21.09 -17.80
C MET B 94 13.92 20.87 -17.44
N ILE B 95 14.61 20.03 -18.22
CA ILE B 95 16.02 19.72 -18.00
C ILE B 95 16.87 20.98 -18.16
N ALA B 96 16.60 21.74 -19.22
CA ALA B 96 17.31 22.98 -19.49
C ALA B 96 16.96 24.02 -18.42
N LEU B 97 15.70 24.07 -18.05
CA LEU B 97 15.22 25.00 -17.04
C LEU B 97 16.01 24.79 -15.74
N ASP B 98 16.24 23.54 -15.40
CA ASP B 98 16.99 23.19 -14.21
C ASP B 98 18.43 23.65 -14.42
N GLY B 99 19.00 23.24 -15.56
CA GLY B 99 20.36 23.61 -15.89
C GLY B 99 21.43 22.67 -15.37
N THR B 100 21.28 22.17 -14.14
CA THR B 100 22.26 21.27 -13.57
C THR B 100 22.10 19.85 -14.12
N PRO B 101 23.19 19.07 -14.15
CA PRO B 101 23.09 17.70 -14.66
C PRO B 101 22.44 16.68 -13.74
N ASN B 102 22.21 17.05 -12.49
CA ASN B 102 21.57 16.10 -11.58
C ASN B 102 20.21 16.63 -11.13
N LYS B 103 19.63 17.52 -11.94
CA LYS B 103 18.33 18.10 -11.67
C LYS B 103 18.20 18.66 -10.26
N GLY B 104 19.33 18.97 -9.62
CA GLY B 104 19.34 19.49 -8.28
C GLY B 104 18.76 20.88 -8.04
N LYS B 105 18.60 21.69 -9.07
CA LYS B 105 18.05 23.03 -8.86
C LYS B 105 16.54 22.96 -8.62
N LEU B 106 15.80 22.43 -9.58
CA LEU B 106 14.34 22.31 -9.44
C LEU B 106 14.00 21.04 -8.65
N GLY B 107 14.86 20.03 -8.77
CA GLY B 107 14.67 18.77 -8.09
C GLY B 107 14.12 17.69 -9.01
N ALA B 108 14.72 16.51 -8.98
CA ALA B 108 14.28 15.41 -9.81
C ALA B 108 12.87 14.94 -9.44
N ASN B 109 12.48 15.13 -8.17
CA ASN B 109 11.14 14.73 -7.76
C ASN B 109 10.12 15.66 -8.41
N ALA B 110 10.48 16.93 -8.50
CA ALA B 110 9.61 17.93 -9.13
C ALA B 110 9.49 17.66 -10.64
N ILE B 111 10.63 17.46 -11.30
CA ILE B 111 10.64 17.21 -12.73
C ILE B 111 9.90 15.94 -13.12
N LEU B 112 10.20 14.83 -12.44
CA LEU B 112 9.55 13.56 -12.74
C LEU B 112 8.06 13.64 -12.54
N GLY B 113 7.64 14.20 -11.41
CA GLY B 113 6.22 14.35 -11.15
C GLY B 113 5.51 14.99 -12.34
N VAL B 114 6.14 15.99 -12.92
CA VAL B 114 5.56 16.66 -14.07
C VAL B 114 5.64 15.75 -15.29
N SER B 115 6.78 15.12 -15.48
CA SER B 115 6.96 14.23 -16.62
C SER B 115 5.83 13.20 -16.71
N ILE B 116 5.63 12.45 -15.63
CA ILE B 116 4.59 11.42 -15.55
C ILE B 116 3.18 11.99 -15.69
N ALA B 117 2.91 13.08 -15.00
CA ALA B 117 1.60 13.72 -15.08
C ALA B 117 1.24 14.07 -16.52
N VAL B 118 2.17 14.68 -17.24
CA VAL B 118 1.96 15.05 -18.63
C VAL B 118 1.60 13.87 -19.54
N ALA B 119 2.38 12.80 -19.47
CA ALA B 119 2.16 11.60 -20.28
C ALA B 119 0.81 10.97 -20.00
N ARG B 120 0.46 10.87 -18.73
CA ARG B 120 -0.82 10.27 -18.36
C ARG B 120 -1.94 11.20 -18.79
N ALA B 121 -1.69 12.51 -18.72
CA ALA B 121 -2.70 13.47 -19.12
C ALA B 121 -2.92 13.31 -20.62
N ALA B 122 -1.85 13.03 -21.35
CA ALA B 122 -1.93 12.86 -22.79
C ALA B 122 -2.64 11.56 -23.17
N ALA B 123 -2.41 10.48 -22.42
CA ALA B 123 -3.08 9.23 -22.75
C ALA B 123 -4.57 9.51 -22.57
N ASP B 124 -4.91 10.17 -21.47
CA ASP B 124 -6.28 10.51 -21.16
C ASP B 124 -6.86 11.30 -22.33
N TYR B 125 -6.14 12.34 -22.73
CA TYR B 125 -6.59 13.16 -23.84
C TYR B 125 -6.88 12.32 -25.07
N LEU B 126 -5.96 11.45 -25.43
CA LEU B 126 -6.10 10.59 -26.60
C LEU B 126 -7.02 9.39 -26.41
N GLU B 127 -7.51 9.19 -25.19
CA GLU B 127 -8.39 8.08 -24.85
C GLU B 127 -7.80 6.74 -25.28
N VAL B 128 -6.54 6.53 -24.91
CA VAL B 128 -5.80 5.30 -25.20
C VAL B 128 -5.06 4.88 -23.95
N PRO B 129 -4.89 3.57 -23.75
CA PRO B 129 -4.17 3.09 -22.56
C PRO B 129 -2.74 3.63 -22.49
N LEU B 130 -2.27 3.91 -21.29
CA LEU B 130 -0.93 4.47 -21.10
C LEU B 130 0.20 3.69 -21.76
N TYR B 131 0.16 2.35 -21.68
CA TYR B 131 1.24 1.58 -22.28
C TYR B 131 1.31 1.80 -23.78
N HIS B 132 0.17 2.06 -24.39
CA HIS B 132 0.11 2.31 -25.83
C HIS B 132 0.61 3.72 -26.17
N TYR B 133 0.23 4.69 -25.36
CA TYR B 133 0.65 6.05 -25.60
C TYR B 133 2.17 6.19 -25.50
N LEU B 134 2.76 5.47 -24.55
CA LEU B 134 4.19 5.53 -24.34
C LEU B 134 5.01 4.71 -25.32
N GLY B 135 4.59 3.46 -25.58
CA GLY B 135 5.37 2.63 -26.48
C GLY B 135 4.85 2.31 -27.85
N GLY B 136 3.72 2.89 -28.26
CA GLY B 136 3.21 2.61 -29.58
C GLY B 136 2.16 1.51 -29.64
N PHE B 137 1.93 0.96 -30.83
CA PHE B 137 0.93 -0.07 -31.01
C PHE B 137 1.38 -1.48 -30.63
N ASN B 138 2.67 -1.75 -30.83
CA ASN B 138 3.23 -3.07 -30.56
C ASN B 138 3.77 -3.27 -29.14
N THR B 139 2.88 -3.17 -28.15
CA THR B 139 3.24 -3.33 -26.76
C THR B 139 2.38 -4.44 -26.16
N LYS B 140 2.95 -5.64 -26.01
CA LYS B 140 2.16 -6.76 -25.50
C LYS B 140 2.85 -7.78 -24.59
N VAL B 141 4.11 -7.55 -24.24
CA VAL B 141 4.82 -8.50 -23.38
C VAL B 141 4.67 -8.18 -21.89
N LEU B 142 3.92 -9.01 -21.17
CA LEU B 142 3.77 -8.82 -19.72
C LEU B 142 5.09 -9.25 -19.10
N PRO B 143 5.59 -8.48 -18.13
CA PRO B 143 6.86 -8.78 -17.47
C PRO B 143 6.89 -10.01 -16.56
N THR B 144 8.04 -10.67 -16.53
CA THR B 144 8.24 -11.82 -15.66
C THR B 144 8.61 -11.11 -14.36
N PRO B 145 7.78 -11.24 -13.32
CA PRO B 145 8.06 -10.57 -12.05
C PRO B 145 9.21 -11.17 -11.27
N MET B 146 9.89 -10.29 -10.55
CA MET B 146 11.03 -10.60 -9.71
C MET B 146 10.48 -10.27 -8.33
N MET B 147 9.86 -11.28 -7.71
CA MET B 147 9.20 -11.09 -6.42
C MET B 147 10.00 -11.31 -5.15
N ASN B 148 9.98 -10.30 -4.29
CA ASN B 148 10.68 -10.32 -3.02
C ASN B 148 10.04 -11.30 -2.04
N ILE B 149 10.86 -12.13 -1.41
CA ILE B 149 10.37 -13.11 -0.45
C ILE B 149 11.15 -13.07 0.88
N ILE B 150 12.48 -13.12 0.79
CA ILE B 150 13.34 -13.08 1.96
C ILE B 150 14.28 -11.88 1.89
N ASN B 151 14.56 -11.28 3.04
CA ASN B 151 15.45 -10.12 3.11
C ASN B 151 16.65 -10.40 4.02
N GLY B 152 17.77 -9.76 3.74
CA GLY B 152 18.96 -9.95 4.56
C GLY B 152 19.80 -8.69 4.65
N GLY B 153 21.12 -8.87 4.66
CA GLY B 153 22.02 -7.73 4.74
C GLY B 153 21.60 -6.65 5.70
N SER B 154 21.61 -5.40 5.24
CA SER B 154 21.22 -4.28 6.07
C SER B 154 19.71 -4.20 6.26
N HIS B 155 18.97 -4.82 5.35
CA HIS B 155 17.50 -4.82 5.43
C HIS B 155 17.00 -6.00 6.26
N ALA B 156 17.52 -6.16 7.47
CA ALA B 156 17.11 -7.24 8.35
C ALA B 156 17.99 -7.31 9.58
N ASP B 157 17.55 -8.08 10.57
CA ASP B 157 18.29 -8.25 11.80
C ASP B 157 18.60 -9.73 11.96
N ASN B 158 19.27 -10.27 10.94
CA ASN B 158 19.64 -11.68 10.91
C ASN B 158 20.95 -11.84 10.15
N SER B 159 21.32 -13.09 9.88
CA SER B 159 22.55 -13.36 9.14
C SER B 159 22.36 -12.96 7.68
N ILE B 160 22.28 -13.96 6.81
CA ILE B 160 22.10 -13.74 5.37
C ILE B 160 22.79 -12.47 4.89
N ASP B 161 24.02 -12.63 4.42
CA ASP B 161 24.83 -11.52 3.93
C ASP B 161 24.15 -10.69 2.85
N PHE B 162 23.51 -11.35 1.88
CA PHE B 162 22.82 -10.65 0.80
C PHE B 162 21.58 -9.95 1.38
N GLN B 163 21.08 -8.91 0.72
CA GLN B 163 19.94 -8.21 1.26
C GLN B 163 18.58 -8.56 0.66
N GLU B 164 18.55 -9.40 -0.36
CA GLU B 164 17.26 -9.74 -0.97
C GLU B 164 17.24 -10.98 -1.86
N PHE B 165 16.32 -11.89 -1.57
CA PHE B 165 16.13 -13.11 -2.35
C PHE B 165 14.76 -12.95 -2.97
N MET B 166 14.61 -13.34 -4.23
CA MET B 166 13.33 -13.20 -4.91
C MET B 166 13.00 -14.44 -5.71
N ILE B 167 11.71 -14.63 -5.95
CA ILE B 167 11.22 -15.74 -6.74
C ILE B 167 10.73 -15.21 -8.09
N MET B 168 10.85 -16.02 -9.14
CA MET B 168 10.39 -15.61 -10.46
C MET B 168 9.53 -16.70 -11.11
N PRO B 169 8.21 -16.51 -11.11
CA PRO B 169 7.25 -17.46 -11.68
C PRO B 169 7.34 -17.62 -13.19
N VAL B 170 8.51 -18.00 -13.68
CA VAL B 170 8.74 -18.17 -15.12
C VAL B 170 7.95 -19.27 -15.81
N GLY B 171 7.47 -20.25 -15.05
CA GLY B 171 6.73 -21.35 -15.63
C GLY B 171 5.25 -21.15 -15.91
N ALA B 172 4.65 -20.09 -15.37
CA ALA B 172 3.23 -19.83 -15.59
C ALA B 172 2.98 -19.43 -17.04
N PRO B 173 1.81 -19.79 -17.59
CA PRO B 173 1.44 -19.47 -18.98
C PRO B 173 1.09 -18.02 -19.23
N THR B 174 0.54 -17.35 -18.22
CA THR B 174 0.14 -15.97 -18.35
C THR B 174 0.52 -15.22 -17.09
N PHE B 175 0.62 -13.90 -17.17
CA PHE B 175 0.99 -13.12 -15.99
C PHE B 175 0.00 -13.40 -14.86
N LYS B 176 -1.28 -13.49 -15.19
CA LYS B 176 -2.31 -13.77 -14.19
C LYS B 176 -1.92 -14.97 -13.34
N GLU B 177 -1.66 -16.09 -14.00
CA GLU B 177 -1.27 -17.30 -13.29
C GLU B 177 0.03 -17.08 -12.53
N ALA B 178 1.02 -16.48 -13.18
CA ALA B 178 2.30 -16.21 -12.53
C ALA B 178 2.07 -15.54 -11.18
N LEU B 179 1.18 -14.56 -11.14
CA LEU B 179 0.87 -13.83 -9.92
C LEU B 179 0.29 -14.78 -8.89
N ARG B 180 -0.59 -15.67 -9.33
CA ARG B 180 -1.21 -16.63 -8.42
C ARG B 180 -0.13 -17.52 -7.83
N MET B 181 0.79 -17.97 -8.70
CA MET B 181 1.90 -18.84 -8.33
C MET B 181 2.74 -18.25 -7.22
N GLY B 182 3.27 -17.04 -7.45
CA GLY B 182 4.09 -16.40 -6.45
C GLY B 182 3.29 -16.11 -5.19
N ALA B 183 2.00 -15.89 -5.36
CA ALA B 183 1.14 -15.62 -4.21
C ALA B 183 1.04 -16.84 -3.33
N GLU B 184 0.77 -17.99 -3.94
CA GLU B 184 0.65 -19.23 -3.18
C GLU B 184 1.96 -19.57 -2.49
N VAL B 185 3.07 -19.22 -3.14
CA VAL B 185 4.39 -19.48 -2.56
C VAL B 185 4.64 -18.53 -1.38
N PHE B 186 4.33 -17.25 -1.59
CA PHE B 186 4.49 -16.22 -0.56
C PHE B 186 3.75 -16.64 0.71
N HIS B 187 2.52 -17.14 0.56
CA HIS B 187 1.73 -17.60 1.69
C HIS B 187 2.29 -18.92 2.26
N ALA B 188 2.63 -19.85 1.39
CA ALA B 188 3.18 -21.12 1.82
C ALA B 188 4.41 -20.85 2.69
N LEU B 189 5.22 -19.88 2.30
CA LEU B 189 6.41 -19.55 3.09
C LEU B 189 5.96 -19.06 4.45
N ALA B 190 5.06 -18.08 4.45
CA ALA B 190 4.53 -17.49 5.67
C ALA B 190 4.02 -18.55 6.65
N ALA B 191 3.55 -19.68 6.10
CA ALA B 191 3.06 -20.76 6.93
C ALA B 191 4.26 -21.42 7.62
N ILE B 192 5.33 -21.62 6.85
CA ILE B 192 6.54 -22.24 7.35
C ILE B 192 7.22 -21.39 8.42
N LEU B 193 7.36 -20.10 8.15
CA LEU B 193 8.01 -19.20 9.09
C LEU B 193 7.23 -19.11 10.40
N LYS B 194 5.92 -18.97 10.31
CA LYS B 194 5.10 -18.87 11.52
C LYS B 194 5.27 -20.14 12.34
N SER B 195 5.18 -21.28 11.68
CA SER B 195 5.30 -22.58 12.34
C SER B 195 6.61 -22.72 13.12
N ARG B 196 7.74 -22.45 12.48
CA ARG B 196 9.01 -22.56 13.18
C ARG B 196 9.33 -21.31 14.00
N GLY B 197 8.28 -20.66 14.49
CA GLY B 197 8.43 -19.46 15.31
C GLY B 197 9.35 -18.38 14.77
N LEU B 198 8.95 -17.72 13.70
CA LEU B 198 9.74 -16.64 13.10
C LEU B 198 8.85 -15.47 12.70
N ALA B 199 9.42 -14.28 12.65
CA ALA B 199 8.70 -13.05 12.31
C ALA B 199 7.91 -13.10 11.00
N THR B 200 6.61 -12.92 11.13
CA THR B 200 5.70 -12.92 9.99
C THR B 200 5.48 -11.50 9.49
N SER B 201 5.95 -10.52 10.26
CA SER B 201 5.83 -9.12 9.88
C SER B 201 6.59 -8.86 8.58
N VAL B 202 6.24 -7.77 7.90
CA VAL B 202 6.87 -7.44 6.63
C VAL B 202 7.71 -6.18 6.65
N GLY B 203 8.46 -5.99 5.57
CA GLY B 203 9.31 -4.83 5.42
C GLY B 203 8.75 -3.91 4.35
N ASP B 204 9.48 -2.85 4.02
CA ASP B 204 9.04 -1.88 3.01
C ASP B 204 8.48 -2.49 1.73
N GLU B 205 9.10 -3.56 1.24
CA GLU B 205 8.66 -4.20 0.01
C GLU B 205 7.57 -5.25 0.25
N GLY B 206 7.14 -5.39 1.50
CA GLY B 206 6.11 -6.37 1.82
C GLY B 206 6.67 -7.79 1.87
N GLY B 207 7.98 -7.90 2.08
CA GLY B 207 8.60 -9.20 2.13
C GLY B 207 8.77 -9.67 3.56
N PHE B 208 9.45 -10.79 3.75
CA PHE B 208 9.69 -11.34 5.08
C PHE B 208 11.13 -11.13 5.53
N ALA B 209 11.32 -10.95 6.84
CA ALA B 209 12.64 -10.74 7.42
C ALA B 209 12.93 -11.76 8.53
N PRO B 210 12.66 -13.05 8.28
CA PRO B 210 12.90 -14.08 9.29
C PRO B 210 14.37 -14.17 9.69
N ASN B 211 14.62 -14.27 10.99
CA ASN B 211 15.98 -14.37 11.49
C ASN B 211 16.54 -15.76 11.19
N LEU B 212 17.40 -15.83 10.17
CA LEU B 212 18.02 -17.09 9.80
C LEU B 212 19.53 -16.93 9.86
N GLY B 213 20.24 -18.02 10.11
CA GLY B 213 21.69 -17.95 10.21
C GLY B 213 22.39 -18.71 9.11
N SER B 214 22.23 -18.25 7.87
CA SER B 214 22.84 -18.88 6.71
C SER B 214 22.27 -18.35 5.40
N ASN B 215 23.14 -17.98 4.48
CA ASN B 215 22.68 -17.48 3.19
C ASN B 215 21.98 -18.64 2.51
N GLU B 216 22.54 -19.84 2.66
CA GLU B 216 21.96 -21.03 2.06
C GLU B 216 20.58 -21.34 2.61
N GLU B 217 20.34 -20.95 3.86
CA GLU B 217 19.04 -21.18 4.50
C GLU B 217 17.96 -20.46 3.71
N GLY B 218 18.19 -19.18 3.44
CA GLY B 218 17.23 -18.40 2.68
C GLY B 218 16.85 -19.09 1.37
N PHE B 219 17.85 -19.66 0.70
CA PHE B 219 17.59 -20.33 -0.57
C PHE B 219 16.76 -21.60 -0.41
N GLU B 220 17.10 -22.41 0.59
CA GLU B 220 16.40 -23.67 0.81
C GLU B 220 15.04 -23.50 1.48
N VAL B 221 14.89 -22.44 2.27
CA VAL B 221 13.64 -22.15 2.95
C VAL B 221 12.60 -21.75 1.90
N ILE B 222 13.08 -21.19 0.80
CA ILE B 222 12.20 -20.78 -0.28
C ILE B 222 11.86 -22.00 -1.13
N ILE B 223 12.85 -22.85 -1.38
CA ILE B 223 12.66 -24.06 -2.17
C ILE B 223 11.54 -24.94 -1.63
N GLU B 224 11.34 -24.91 -0.31
CA GLU B 224 10.28 -25.72 0.28
C GLU B 224 8.93 -25.03 0.22
N ALA B 225 8.94 -23.70 0.22
CA ALA B 225 7.68 -22.96 0.12
C ALA B 225 7.22 -23.11 -1.32
N ILE B 226 8.19 -23.27 -2.23
CA ILE B 226 7.90 -23.45 -3.65
C ILE B 226 7.20 -24.78 -3.84
N GLU B 227 7.78 -25.81 -3.22
CA GLU B 227 7.24 -27.16 -3.31
C GLU B 227 5.95 -27.35 -2.52
N LYS B 228 5.92 -26.87 -1.28
CA LYS B 228 4.73 -27.03 -0.45
C LYS B 228 3.55 -26.26 -1.05
N ALA B 229 3.85 -25.31 -1.92
CA ALA B 229 2.81 -24.53 -2.58
C ALA B 229 2.34 -25.36 -3.76
N GLY B 230 3.11 -26.41 -4.06
CA GLY B 230 2.78 -27.31 -5.14
C GLY B 230 3.49 -27.09 -6.46
N TYR B 231 4.54 -26.27 -6.46
CA TYR B 231 5.26 -26.02 -7.70
C TYR B 231 6.65 -26.63 -7.74
N VAL B 232 7.09 -26.96 -8.94
CA VAL B 232 8.39 -27.56 -9.17
C VAL B 232 9.46 -26.51 -9.47
N PRO B 233 10.42 -26.32 -8.54
CA PRO B 233 11.48 -25.33 -8.73
C PRO B 233 12.34 -25.63 -9.96
N GLY B 234 12.97 -24.58 -10.48
CA GLY B 234 13.82 -24.74 -11.64
C GLY B 234 13.01 -24.79 -12.92
N LYS B 235 11.71 -25.04 -12.79
CA LYS B 235 10.84 -25.11 -13.97
C LYS B 235 9.70 -24.11 -13.85
N ASP B 236 9.11 -24.03 -12.66
CA ASP B 236 8.00 -23.11 -12.42
C ASP B 236 8.43 -21.85 -11.68
N VAL B 237 9.46 -21.96 -10.86
CA VAL B 237 9.93 -20.82 -10.09
C VAL B 237 11.44 -20.74 -9.96
N VAL B 238 12.08 -20.02 -10.86
CA VAL B 238 13.53 -19.87 -10.76
C VAL B 238 13.80 -18.82 -9.67
N LEU B 239 15.06 -18.63 -9.30
CA LEU B 239 15.41 -17.67 -8.25
C LEU B 239 16.30 -16.51 -8.71
N ALA B 240 16.10 -15.36 -8.08
CA ALA B 240 16.87 -14.16 -8.37
C ALA B 240 17.30 -13.58 -7.02
N MET B 241 18.45 -12.91 -7.00
CA MET B 241 18.95 -12.36 -5.75
C MET B 241 19.63 -11.02 -5.90
N ASP B 242 19.53 -10.21 -4.85
CA ASP B 242 20.18 -8.90 -4.80
C ASP B 242 21.24 -9.03 -3.72
N ALA B 243 22.51 -8.94 -4.11
CA ALA B 243 23.60 -9.05 -3.17
C ALA B 243 23.84 -7.72 -2.47
N ALA B 244 23.84 -6.65 -3.25
CA ALA B 244 24.09 -5.32 -2.71
C ALA B 244 25.46 -5.41 -2.06
N SER B 245 26.35 -6.17 -2.69
CA SER B 245 27.71 -6.38 -2.21
C SER B 245 28.44 -5.11 -1.75
N SER B 246 28.09 -3.97 -2.32
CA SER B 246 28.72 -2.71 -1.92
C SER B 246 28.53 -2.48 -0.42
N GLU B 247 27.43 -2.99 0.11
CA GLU B 247 27.14 -2.86 1.54
C GLU B 247 28.21 -3.57 2.38
N PHE B 248 28.60 -4.77 1.96
CA PHE B 248 29.60 -5.52 2.68
C PHE B 248 30.97 -5.58 2.01
N TYR B 249 31.38 -4.46 1.42
CA TYR B 249 32.69 -4.40 0.76
C TYR B 249 33.65 -3.57 1.60
N ASP B 250 34.81 -4.13 1.92
CA ASP B 250 35.79 -3.42 2.72
C ASP B 250 36.33 -2.20 1.98
N LYS B 251 35.95 -1.02 2.45
CA LYS B 251 36.39 0.23 1.83
C LYS B 251 37.91 0.26 1.72
N GLU B 252 38.57 0.00 2.86
CA GLU B 252 40.02 -0.01 2.93
C GLU B 252 40.64 -1.07 2.01
N LYS B 253 40.67 -2.31 2.49
CA LYS B 253 41.22 -3.42 1.71
C LYS B 253 40.27 -3.76 0.57
N GLY B 254 40.70 -4.64 -0.32
CA GLY B 254 39.86 -5.02 -1.44
C GLY B 254 39.13 -6.33 -1.24
N VAL B 255 38.36 -6.44 -0.16
CA VAL B 255 37.63 -7.66 0.10
C VAL B 255 36.20 -7.47 0.59
N TYR B 256 35.45 -8.56 0.50
CA TYR B 256 34.06 -8.59 0.92
C TYR B 256 34.00 -9.37 2.24
N VAL B 257 33.44 -8.73 3.27
CA VAL B 257 33.34 -9.34 4.58
C VAL B 257 31.92 -9.89 4.82
N LEU B 258 31.79 -11.21 4.77
CA LEU B 258 30.49 -11.85 4.98
C LEU B 258 30.18 -11.86 6.49
N ALA B 259 30.25 -10.68 7.11
CA ALA B 259 30.01 -10.52 8.54
C ALA B 259 28.72 -11.18 9.03
N ASP B 260 27.60 -10.82 8.41
CA ASP B 260 26.29 -11.37 8.76
C ASP B 260 26.30 -12.89 8.88
N SER B 261 26.77 -13.56 7.83
CA SER B 261 26.84 -15.03 7.81
C SER B 261 28.02 -15.50 8.64
N GLY B 262 28.94 -14.59 8.93
CA GLY B 262 30.11 -14.91 9.71
C GLY B 262 31.24 -15.58 8.94
N GLU B 263 31.00 -15.91 7.67
CA GLU B 263 32.01 -16.55 6.84
C GLU B 263 33.30 -15.73 6.74
N GLY B 264 33.30 -14.57 7.38
CA GLY B 264 34.46 -13.70 7.38
C GLY B 264 34.80 -13.03 6.05
N GLU B 265 36.10 -12.92 5.79
CA GLU B 265 36.56 -12.29 4.57
C GLU B 265 36.58 -13.21 3.36
N LYS B 266 36.33 -12.61 2.21
CA LYS B 266 36.31 -13.30 0.92
C LYS B 266 36.76 -12.26 -0.10
N THR B 267 37.55 -12.68 -1.09
CA THR B 267 38.02 -11.75 -2.10
C THR B 267 37.22 -11.84 -3.39
N THR B 268 37.08 -10.71 -4.08
CA THR B 268 36.34 -10.63 -5.34
C THR B 268 36.69 -11.75 -6.30
N ASP B 269 37.85 -12.35 -6.12
CA ASP B 269 38.31 -13.44 -6.98
C ASP B 269 37.65 -14.76 -6.62
N GLU B 270 37.26 -14.89 -5.36
CA GLU B 270 36.61 -16.11 -4.88
C GLU B 270 35.12 -15.91 -4.69
N MET B 271 34.70 -14.66 -4.53
CA MET B 271 33.28 -14.35 -4.39
C MET B 271 32.56 -14.90 -5.61
N ILE B 272 33.24 -14.84 -6.75
CA ILE B 272 32.73 -15.33 -8.00
C ILE B 272 32.53 -16.84 -7.89
N LYS B 273 33.43 -17.50 -7.17
CA LYS B 273 33.33 -18.94 -6.97
C LYS B 273 32.10 -19.22 -6.12
N PHE B 274 31.89 -18.39 -5.10
CA PHE B 274 30.74 -18.55 -4.21
C PHE B 274 29.45 -18.41 -5.02
N TYR B 275 29.37 -17.35 -5.81
CA TYR B 275 28.20 -17.13 -6.64
C TYR B 275 28.12 -18.28 -7.64
N GLU B 276 29.29 -18.74 -8.08
CA GLU B 276 29.35 -19.84 -9.03
C GLU B 276 28.92 -21.13 -8.32
N GLU B 277 29.11 -21.14 -7.00
CA GLU B 277 28.75 -22.28 -6.17
C GLU B 277 27.24 -22.28 -5.98
N LEU B 278 26.74 -21.19 -5.40
CA LEU B 278 25.32 -21.03 -5.14
C LEU B 278 24.49 -21.43 -6.35
N VAL B 279 24.85 -20.92 -7.52
CA VAL B 279 24.13 -21.20 -8.76
C VAL B 279 24.21 -22.67 -9.15
N SER B 280 25.16 -23.39 -8.58
CA SER B 280 25.33 -24.80 -8.90
C SER B 280 24.27 -25.63 -8.19
N LYS B 281 24.14 -25.42 -6.89
CA LYS B 281 23.16 -26.16 -6.08
C LYS B 281 21.73 -25.62 -6.23
N TYR B 282 21.57 -24.31 -6.10
CA TYR B 282 20.25 -23.68 -6.20
C TYR B 282 19.94 -23.17 -7.61
N PRO B 283 18.66 -22.88 -7.91
CA PRO B 283 18.25 -22.39 -9.23
C PRO B 283 18.32 -20.87 -9.34
N ILE B 284 19.54 -20.32 -9.26
CA ILE B 284 19.76 -18.88 -9.34
C ILE B 284 19.85 -18.42 -10.80
N ILE B 285 18.88 -17.63 -11.25
CA ILE B 285 18.86 -17.14 -12.63
C ILE B 285 19.42 -15.74 -12.74
N SER B 286 19.30 -14.95 -11.68
CA SER B 286 19.78 -13.58 -11.71
C SER B 286 20.41 -13.09 -10.40
N ILE B 287 21.59 -12.48 -10.51
CA ILE B 287 22.33 -11.94 -9.36
C ILE B 287 22.56 -10.44 -9.57
N GLU B 288 21.94 -9.63 -8.72
CA GLU B 288 22.03 -8.17 -8.79
C GLU B 288 23.16 -7.62 -7.92
N ASP B 289 24.01 -6.77 -8.51
CA ASP B 289 25.13 -6.17 -7.78
C ASP B 289 25.99 -7.20 -7.05
N GLY B 290 26.50 -8.19 -7.79
CA GLY B 290 27.33 -9.21 -7.19
C GLY B 290 28.61 -8.68 -6.56
N LEU B 291 29.32 -7.80 -7.26
CA LEU B 291 30.55 -7.21 -6.75
C LEU B 291 30.36 -5.74 -6.43
N ASP B 292 31.37 -5.13 -5.81
CA ASP B 292 31.30 -3.72 -5.44
C ASP B 292 31.05 -2.78 -6.60
N GLU B 293 30.23 -1.77 -6.35
CA GLU B 293 29.87 -0.78 -7.36
C GLU B 293 31.05 -0.07 -8.02
N ASN B 294 32.26 -0.51 -7.72
CA ASN B 294 33.45 0.10 -8.31
C ASN B 294 34.42 -0.95 -8.82
N ASP B 295 34.33 -2.15 -8.27
CA ASP B 295 35.21 -3.24 -8.69
C ASP B 295 34.88 -3.65 -10.13
N TRP B 296 34.88 -2.67 -11.03
CA TRP B 296 34.56 -2.93 -12.43
C TRP B 296 35.33 -4.14 -12.94
N ASP B 297 36.65 -4.06 -12.87
CA ASP B 297 37.52 -5.14 -13.34
C ASP B 297 36.95 -6.47 -12.87
N GLY B 298 36.53 -6.50 -11.61
CA GLY B 298 35.98 -7.72 -11.04
C GLY B 298 34.67 -8.13 -11.68
N PHE B 299 33.78 -7.17 -11.90
CA PHE B 299 32.50 -7.46 -12.51
C PHE B 299 32.73 -8.11 -13.88
N LYS B 300 33.67 -7.55 -14.64
CA LYS B 300 34.01 -8.07 -15.96
C LYS B 300 34.25 -9.58 -15.89
N LYS B 301 35.19 -9.97 -15.03
CA LYS B 301 35.52 -11.37 -14.84
C LYS B 301 34.23 -12.16 -14.61
N LEU B 302 33.45 -11.72 -13.62
CA LEU B 302 32.19 -12.36 -13.27
C LEU B 302 31.26 -12.51 -14.48
N THR B 303 31.28 -11.53 -15.36
CA THR B 303 30.44 -11.56 -16.56
C THR B 303 30.85 -12.66 -17.51
N ASP B 304 32.16 -12.92 -17.62
CA ASP B 304 32.65 -13.95 -18.52
C ASP B 304 32.31 -15.35 -18.03
N VAL B 305 32.69 -15.61 -16.79
CA VAL B 305 32.46 -16.91 -16.16
C VAL B 305 31.01 -17.27 -15.88
N LEU B 306 30.13 -16.26 -15.80
CA LEU B 306 28.73 -16.53 -15.49
C LEU B 306 27.69 -15.88 -16.40
N GLY B 307 28.04 -14.72 -16.95
CA GLY B 307 27.12 -13.98 -17.82
C GLY B 307 26.50 -14.61 -19.05
N ASP B 308 26.63 -15.92 -19.24
CA ASP B 308 26.03 -16.54 -20.40
C ASP B 308 24.89 -17.50 -20.07
N LYS B 309 24.63 -17.68 -18.77
CA LYS B 309 23.55 -18.55 -18.33
C LYS B 309 22.93 -17.99 -17.05
N VAL B 310 23.41 -16.81 -16.66
CA VAL B 310 22.91 -16.12 -15.47
C VAL B 310 22.85 -14.61 -15.71
N GLN B 311 21.70 -14.01 -15.40
CA GLN B 311 21.55 -12.58 -15.56
C GLN B 311 22.27 -11.81 -14.45
N LEU B 312 23.15 -10.90 -14.84
CA LEU B 312 23.89 -10.08 -13.90
C LEU B 312 23.44 -8.64 -14.03
N VAL B 313 22.47 -8.25 -13.22
CA VAL B 313 21.95 -6.89 -13.28
C VAL B 313 22.67 -5.96 -12.31
N GLY B 314 23.07 -4.81 -12.81
CA GLY B 314 23.77 -3.83 -11.99
C GLY B 314 22.85 -2.70 -11.57
N ASP B 315 22.65 -2.58 -10.26
CA ASP B 315 21.81 -1.53 -9.69
C ASP B 315 22.74 -0.37 -9.35
N ASP B 316 23.49 -0.51 -8.26
CA ASP B 316 24.42 0.53 -7.83
C ASP B 316 25.50 0.74 -8.88
N LEU B 317 25.83 -0.35 -9.59
CA LEU B 317 26.85 -0.33 -10.63
C LEU B 317 26.62 0.81 -11.63
N PHE B 318 25.39 0.91 -12.13
CA PHE B 318 25.06 1.93 -13.12
C PHE B 318 24.19 3.04 -12.56
N VAL B 319 23.45 2.75 -11.50
CA VAL B 319 22.54 3.72 -10.89
C VAL B 319 21.72 4.51 -11.93
N THR B 320 21.02 3.76 -12.79
CA THR B 320 20.18 4.32 -13.86
C THR B 320 20.86 5.46 -14.62
N ASN B 321 22.19 5.43 -14.68
CA ASN B 321 22.94 6.47 -15.38
C ASN B 321 23.33 6.02 -16.79
N THR B 322 22.70 6.64 -17.78
CA THR B 322 22.95 6.32 -19.18
C THR B 322 24.45 6.36 -19.54
N GLN B 323 25.20 7.20 -18.84
CA GLN B 323 26.65 7.35 -19.05
C GLN B 323 27.42 6.17 -18.44
N LYS B 324 27.11 5.83 -17.20
CA LYS B 324 27.76 4.71 -16.53
C LYS B 324 27.49 3.44 -17.34
N LEU B 325 26.23 3.27 -17.71
CA LEU B 325 25.78 2.12 -18.50
C LEU B 325 26.71 1.90 -19.70
N SER B 326 26.74 2.85 -20.62
CA SER B 326 27.58 2.75 -21.81
C SER B 326 28.97 2.21 -21.47
N GLU B 327 29.58 2.78 -20.43
CA GLU B 327 30.90 2.35 -19.99
C GLU B 327 30.87 0.86 -19.73
N GLY B 328 29.88 0.42 -18.95
CA GLY B 328 29.75 -0.98 -18.64
C GLY B 328 29.59 -1.83 -19.89
N ILE B 329 28.90 -1.29 -20.89
CA ILE B 329 28.69 -2.00 -22.15
C ILE B 329 30.01 -2.22 -22.89
N GLU B 330 30.88 -1.22 -22.87
CA GLU B 330 32.17 -1.33 -23.52
C GLU B 330 33.00 -2.44 -22.88
N LYS B 331 33.17 -2.35 -21.56
CA LYS B 331 33.93 -3.33 -20.80
C LYS B 331 33.27 -4.70 -20.78
N GLY B 332 31.98 -4.74 -21.08
CA GLY B 332 31.24 -6.00 -21.08
C GLY B 332 31.21 -6.53 -19.66
N ILE B 333 30.76 -5.69 -18.74
CA ILE B 333 30.70 -6.06 -17.34
C ILE B 333 29.32 -6.33 -16.75
N ALA B 334 28.38 -6.77 -17.59
CA ALA B 334 27.04 -7.08 -17.13
C ALA B 334 26.17 -7.46 -18.31
N ASN B 335 24.86 -7.60 -18.07
CA ASN B 335 23.92 -7.94 -19.13
C ASN B 335 22.50 -7.55 -18.77
N SER B 336 22.36 -6.66 -17.80
CA SER B 336 21.04 -6.19 -17.36
C SER B 336 21.23 -4.98 -16.46
N ILE B 337 20.29 -4.06 -16.49
CA ILE B 337 20.36 -2.86 -15.68
C ILE B 337 19.02 -2.55 -15.04
N LEU B 338 19.03 -2.16 -13.77
CA LEU B 338 17.79 -1.83 -13.09
C LEU B 338 17.37 -0.44 -13.52
N ILE B 339 16.10 -0.27 -13.83
CA ILE B 339 15.61 1.04 -14.24
C ILE B 339 14.78 1.70 -13.14
N LYS B 340 15.32 2.76 -12.57
CA LYS B 340 14.62 3.49 -11.53
C LYS B 340 14.29 4.87 -12.09
N VAL B 341 13.05 5.04 -12.51
CA VAL B 341 12.60 6.30 -13.08
C VAL B 341 13.13 7.54 -12.37
N ASN B 342 12.81 7.70 -11.10
CA ASN B 342 13.24 8.89 -10.36
C ASN B 342 14.74 9.01 -10.16
N GLN B 343 15.46 7.92 -10.42
CA GLN B 343 16.92 7.95 -10.26
C GLN B 343 17.48 8.70 -11.45
N ILE B 344 16.73 8.72 -12.55
CA ILE B 344 17.15 9.43 -13.75
C ILE B 344 16.38 10.75 -13.95
N GLY B 345 15.13 10.79 -13.51
CA GLY B 345 14.38 12.03 -13.60
C GLY B 345 13.26 12.28 -14.59
N THR B 346 13.34 11.72 -15.79
CA THR B 346 12.28 11.95 -16.77
C THR B 346 11.90 10.69 -17.52
N LEU B 347 10.67 10.66 -18.04
CA LEU B 347 10.22 9.51 -18.79
C LEU B 347 11.04 9.34 -20.06
N THR B 348 11.44 10.46 -20.67
CA THR B 348 12.24 10.40 -21.89
C THR B 348 13.60 9.75 -21.62
N GLU B 349 14.35 10.30 -20.66
CA GLU B 349 15.65 9.73 -20.34
C GLU B 349 15.50 8.27 -19.95
N THR B 350 14.38 7.94 -19.31
CA THR B 350 14.08 6.57 -18.89
C THR B 350 13.97 5.67 -20.12
N PHE B 351 13.13 6.06 -21.08
CA PHE B 351 12.98 5.25 -22.28
C PHE B 351 14.25 5.19 -23.10
N GLU B 352 15.09 6.20 -22.96
CA GLU B 352 16.33 6.22 -23.70
C GLU B 352 17.27 5.20 -23.10
N ALA B 353 17.26 5.11 -21.77
CA ALA B 353 18.11 4.16 -21.06
C ALA B 353 17.69 2.74 -21.38
N ILE B 354 16.39 2.49 -21.45
CA ILE B 354 15.88 1.16 -21.74
C ILE B 354 16.21 0.72 -23.17
N GLU B 355 16.11 1.65 -24.12
CA GLU B 355 16.39 1.35 -25.52
C GLU B 355 17.88 1.13 -25.73
N MET B 356 18.71 1.81 -24.96
CA MET B 356 20.15 1.66 -25.08
C MET B 356 20.59 0.31 -24.54
N ALA B 357 19.86 -0.20 -23.55
CA ALA B 357 20.18 -1.51 -22.98
C ALA B 357 19.82 -2.57 -24.02
N LYS B 358 18.62 -2.48 -24.56
CA LYS B 358 18.17 -3.43 -25.57
C LYS B 358 19.16 -3.58 -26.71
N GLU B 359 19.68 -2.46 -27.18
CA GLU B 359 20.62 -2.50 -28.29
C GLU B 359 21.95 -3.15 -27.95
N ALA B 360 22.24 -3.28 -26.66
CA ALA B 360 23.48 -3.91 -26.22
C ALA B 360 23.25 -5.35 -25.83
N GLY B 361 22.03 -5.83 -25.99
CA GLY B 361 21.72 -7.19 -25.63
C GLY B 361 21.51 -7.33 -24.14
N TYR B 362 21.31 -6.19 -23.49
CA TYR B 362 21.07 -6.15 -22.05
C TYR B 362 19.58 -6.15 -21.76
N THR B 363 19.24 -6.50 -20.54
CA THR B 363 17.86 -6.54 -20.10
C THR B 363 17.59 -5.29 -19.29
N ALA B 364 16.39 -4.74 -19.42
CA ALA B 364 16.02 -3.54 -18.67
C ALA B 364 14.96 -3.90 -17.65
N VAL B 365 15.37 -4.00 -16.39
CA VAL B 365 14.45 -4.35 -15.33
C VAL B 365 13.86 -3.12 -14.66
N VAL B 366 12.66 -2.74 -15.06
CA VAL B 366 12.02 -1.57 -14.47
C VAL B 366 11.64 -1.98 -13.04
N SER B 367 12.16 -1.25 -12.06
CA SER B 367 11.89 -1.60 -10.67
C SER B 367 11.15 -0.55 -9.85
N HIS B 368 10.67 -1.00 -8.71
CA HIS B 368 9.95 -0.17 -7.76
C HIS B 368 10.98 0.57 -6.92
N ARG B 369 10.51 1.19 -5.84
CA ARG B 369 11.40 1.94 -4.98
C ARG B 369 10.97 1.78 -3.53
N SER B 370 11.93 1.85 -2.61
CA SER B 370 11.68 1.71 -1.17
C SER B 370 10.41 2.44 -0.72
N GLY B 371 10.32 3.72 -1.07
CA GLY B 371 9.13 4.49 -0.75
C GLY B 371 8.27 4.58 -1.99
N GLU B 372 7.12 3.94 -1.98
CA GLU B 372 6.24 3.97 -3.13
C GLU B 372 4.91 4.66 -2.88
N THR B 373 4.05 4.62 -3.90
CA THR B 373 2.72 5.20 -3.83
C THR B 373 1.81 4.27 -4.61
N GLU B 374 0.54 4.63 -4.70
CA GLU B 374 -0.43 3.82 -5.42
C GLU B 374 -0.19 3.86 -6.94
N ASP B 375 0.71 4.73 -7.36
CA ASP B 375 1.03 4.90 -8.76
C ASP B 375 1.57 3.60 -9.35
N SER B 376 1.10 3.26 -10.55
CA SER B 376 1.57 2.04 -11.20
C SER B 376 2.12 2.32 -12.60
N THR B 377 2.60 3.53 -12.83
CA THR B 377 3.11 3.88 -14.14
C THR B 377 4.24 2.96 -14.61
N ILE B 378 5.12 2.53 -13.69
CA ILE B 378 6.21 1.64 -14.09
C ILE B 378 5.67 0.34 -14.67
N SER B 379 4.41 0.04 -14.37
CA SER B 379 3.78 -1.17 -14.89
C SER B 379 3.59 -0.99 -16.39
N ASP B 380 3.01 0.14 -16.76
CA ASP B 380 2.76 0.43 -18.17
C ASP B 380 4.08 0.57 -18.91
N ILE B 381 5.11 1.07 -18.22
CA ILE B 381 6.41 1.23 -18.85
C ILE B 381 6.99 -0.11 -19.25
N ALA B 382 6.82 -1.12 -18.40
CA ALA B 382 7.34 -2.45 -18.68
C ALA B 382 6.72 -3.02 -19.95
N VAL B 383 5.41 -2.86 -20.10
CA VAL B 383 4.69 -3.35 -21.26
C VAL B 383 4.92 -2.46 -22.48
N ALA B 384 4.96 -1.14 -22.25
CA ALA B 384 5.19 -0.20 -23.34
C ALA B 384 6.50 -0.46 -24.06
N THR B 385 7.52 -0.91 -23.32
CA THR B 385 8.81 -1.20 -23.91
C THR B 385 9.06 -2.69 -24.14
N ASN B 386 8.12 -3.53 -23.75
CA ASN B 386 8.29 -4.97 -23.91
C ASN B 386 9.56 -5.40 -23.19
N ALA B 387 9.82 -4.80 -22.02
CA ALA B 387 11.01 -5.11 -21.24
C ALA B 387 11.19 -6.61 -20.99
N GLY B 388 10.14 -7.26 -20.49
CA GLY B 388 10.22 -8.68 -20.24
C GLY B 388 10.37 -9.04 -18.77
N GLN B 389 10.70 -8.06 -17.95
CA GLN B 389 10.87 -8.28 -16.51
C GLN B 389 10.52 -7.05 -15.70
N ILE B 390 10.23 -7.26 -14.43
CA ILE B 390 9.90 -6.16 -13.53
C ILE B 390 10.19 -6.60 -12.10
N LYS B 391 10.66 -5.67 -11.30
CA LYS B 391 10.97 -5.93 -9.90
C LYS B 391 10.20 -4.90 -9.12
N THR B 392 8.93 -5.16 -8.85
CA THR B 392 8.12 -4.19 -8.12
C THR B 392 7.60 -4.62 -6.74
N GLY B 393 8.31 -5.53 -6.09
CA GLY B 393 7.91 -5.94 -4.75
C GLY B 393 7.43 -7.35 -4.46
N SER B 394 6.96 -7.51 -3.22
CA SER B 394 6.44 -8.78 -2.73
C SER B 394 4.94 -8.84 -2.99
N LEU B 395 4.22 -9.72 -2.30
CA LEU B 395 2.78 -9.81 -2.50
C LEU B 395 2.00 -9.41 -1.25
N SER B 396 2.48 -8.37 -0.62
CA SER B 396 1.92 -7.71 0.57
C SER B 396 2.13 -6.20 0.29
N ARG B 397 1.36 -5.35 0.90
CA ARG B 397 1.43 -3.94 0.66
C ARG B 397 1.07 -3.51 -0.77
N THR B 398 -0.07 -2.80 -0.80
CA THR B 398 -0.62 -2.05 -1.90
C THR B 398 0.41 -1.21 -2.69
N ASP B 399 1.43 -0.67 -2.05
CA ASP B 399 2.47 0.06 -2.76
C ASP B 399 3.13 -0.89 -3.73
N ARG B 400 2.91 -2.19 -3.50
CA ARG B 400 3.46 -3.24 -4.35
C ARG B 400 2.37 -3.88 -5.18
N ILE B 401 1.33 -4.36 -4.49
CA ILE B 401 0.20 -5.00 -5.14
C ILE B 401 -0.44 -4.13 -6.24
N ALA B 402 -0.48 -2.82 -6.04
CA ALA B 402 -1.06 -1.92 -7.03
C ALA B 402 -0.42 -2.12 -8.41
N LYS B 403 0.91 -2.19 -8.44
CA LYS B 403 1.62 -2.41 -9.70
C LYS B 403 1.18 -3.74 -10.34
N TYR B 404 1.06 -4.78 -9.53
CA TYR B 404 0.64 -6.09 -10.01
C TYR B 404 -0.79 -6.08 -10.52
N ASN B 405 -1.68 -5.37 -9.83
CA ASN B 405 -3.08 -5.32 -10.26
C ASN B 405 -3.17 -4.60 -11.61
N GLN B 406 -2.34 -3.58 -11.79
CA GLN B 406 -2.32 -2.83 -13.04
C GLN B 406 -1.92 -3.78 -14.17
N LEU B 407 -0.89 -4.58 -13.93
CA LEU B 407 -0.45 -5.56 -14.92
C LEU B 407 -1.60 -6.51 -15.23
N LEU B 408 -2.37 -6.92 -14.20
CA LEU B 408 -3.49 -7.82 -14.44
C LEU B 408 -4.41 -7.11 -15.40
N ARG B 409 -4.74 -5.87 -15.07
CA ARG B 409 -5.63 -5.08 -15.88
C ARG B 409 -5.11 -4.93 -17.31
N ILE B 410 -3.79 -4.72 -17.45
CA ILE B 410 -3.20 -4.59 -18.78
C ILE B 410 -3.36 -5.88 -19.59
N GLU B 411 -2.98 -7.01 -19.00
CA GLU B 411 -3.09 -8.28 -19.69
C GLU B 411 -4.53 -8.46 -20.16
N ASP B 412 -5.46 -8.27 -19.24
CA ASP B 412 -6.88 -8.41 -19.53
C ASP B 412 -7.26 -7.60 -20.76
N GLN B 413 -6.93 -6.32 -20.71
CA GLN B 413 -7.21 -5.39 -21.79
C GLN B 413 -6.59 -5.88 -23.10
N LEU B 414 -5.39 -6.43 -23.03
CA LEU B 414 -4.73 -6.94 -24.22
C LEU B 414 -5.49 -8.12 -24.81
N GLY B 415 -5.99 -8.98 -23.94
CA GLY B 415 -6.75 -10.11 -24.44
C GLY B 415 -5.98 -11.20 -25.16
N GLU B 416 -6.32 -11.45 -26.42
CA GLU B 416 -5.68 -12.50 -27.20
C GLU B 416 -4.29 -12.16 -27.77
N VAL B 417 -3.86 -10.92 -27.63
CA VAL B 417 -2.54 -10.56 -28.14
C VAL B 417 -1.53 -10.44 -27.01
N ALA B 418 -2.01 -10.52 -25.77
CA ALA B 418 -1.12 -10.43 -24.62
C ALA B 418 -0.09 -11.56 -24.71
N GLU B 419 1.09 -11.33 -24.15
CA GLU B 419 2.15 -12.34 -24.16
C GLU B 419 2.93 -12.32 -22.86
N TYR B 420 3.35 -13.51 -22.43
CA TYR B 420 4.15 -13.65 -21.23
C TYR B 420 5.26 -14.61 -21.60
N LYS B 421 6.48 -14.10 -21.65
CA LYS B 421 7.62 -14.92 -22.06
C LYS B 421 8.27 -15.82 -21.01
N GLY B 422 7.96 -15.62 -19.73
CA GLY B 422 8.57 -16.47 -18.71
C GLY B 422 10.09 -16.52 -18.87
N LEU B 423 10.64 -17.73 -18.94
CA LEU B 423 12.08 -17.90 -19.08
C LEU B 423 12.65 -17.22 -20.31
N LYS B 424 11.90 -17.25 -21.41
CA LYS B 424 12.32 -16.66 -22.67
C LYS B 424 12.39 -15.12 -22.66
N SER B 425 12.19 -14.52 -21.49
CA SER B 425 12.27 -13.07 -21.36
C SER B 425 13.74 -12.70 -21.24
N PHE B 426 14.56 -13.69 -20.91
CA PHE B 426 15.99 -13.52 -20.72
C PHE B 426 16.75 -13.63 -22.03
N TYR B 427 16.42 -12.76 -22.98
CA TYR B 427 17.09 -12.77 -24.27
C TYR B 427 18.57 -12.46 -24.12
N ASN B 428 18.96 -12.05 -22.93
CA ASN B 428 20.35 -11.69 -22.66
C ASN B 428 21.21 -12.90 -22.27
N LEU B 429 20.57 -14.05 -22.11
CA LEU B 429 21.30 -15.25 -21.73
C LEU B 429 21.40 -16.28 -22.85
N LYS B 430 22.63 -16.65 -23.17
CA LYS B 430 22.92 -17.63 -24.22
C LYS B 430 22.28 -18.98 -23.89
N ALA B 431 22.56 -19.47 -22.70
CA ALA B 431 22.04 -20.77 -22.24
C ALA B 431 20.77 -20.66 -21.38
N ALA B 432 19.61 -20.79 -22.02
CA ALA B 432 18.30 -20.73 -21.35
C ALA B 432 17.93 -19.37 -20.74
MG MG C . -10.73 -3.24 16.33
S SO4 D . -10.44 -6.81 10.02
O1 SO4 D . -10.38 -5.68 9.09
O2 SO4 D . -10.25 -8.08 9.27
O3 SO4 D . -11.76 -6.82 10.68
O4 SO4 D . -9.39 -6.65 11.04
C1 GOL E . -6.85 22.39 -7.59
O1 GOL E . -5.72 22.26 -8.43
C2 GOL E . -6.69 23.49 -6.56
O2 GOL E . -6.03 23.00 -5.40
C3 GOL E . -8.05 24.05 -6.21
O3 GOL E . -7.95 25.10 -5.25
C1 GOL F . -14.64 -3.93 -20.00
O1 GOL F . -14.22 -5.25 -20.32
C2 GOL F . -14.92 -3.13 -21.26
O2 GOL F . -13.85 -2.24 -21.53
C3 GOL F . -16.24 -2.39 -21.11
O3 GOL F . -16.56 -1.62 -22.26
C1 GOL G . -34.42 -3.75 -16.72
O1 GOL G . -33.50 -4.81 -16.97
C2 GOL G . -33.72 -2.40 -16.58
O2 GOL G . -32.50 -2.55 -15.85
C3 GOL G . -34.65 -1.42 -15.89
O3 GOL G . -34.06 -0.13 -15.73
C1 GOL H . -31.63 -0.32 1.50
O1 GOL H . -31.58 -0.15 2.91
C2 GOL H . -32.36 0.82 0.83
O2 GOL H . -33.75 0.74 1.12
C3 GOL H . -32.09 0.76 -0.67
O3 GOL H . -32.74 1.82 -1.38
MG MG I . 21.22 -3.40 -5.00
S SO4 J . 15.84 1.89 -2.64
O1 SO4 J . 15.87 0.61 -3.36
O2 SO4 J . 16.98 2.73 -3.05
O3 SO4 J . 15.91 1.66 -1.18
O4 SO4 J . 14.58 2.58 -2.96
C1 GOL K . 4.77 28.29 -23.93
O1 GOL K . 5.58 28.39 -22.77
C2 GOL K . 5.16 27.13 -24.83
O2 GOL K . 6.56 26.89 -24.80
C3 GOL K . 4.70 27.42 -26.26
O3 GOL K . 5.03 26.37 -27.16
C1 GOL L . 0.74 5.69 -29.64
O1 GOL L . 0.09 4.46 -29.91
C2 GOL L . -0.02 6.87 -30.21
O2 GOL L . 0.85 7.96 -30.49
C3 GOL L . -1.08 7.29 -29.23
O3 GOL L . -1.83 8.38 -29.73
#